data_4K1H
#
_entry.id   4K1H
#
_cell.length_a   114.825
_cell.length_b   139.465
_cell.length_c   140.048
_cell.angle_alpha   90.00
_cell.angle_beta   90.00
_cell.angle_gamma   90.00
#
_symmetry.space_group_name_H-M   'C 2 2 21'
#
loop_
_entity.id
_entity.type
_entity.pdbx_description
1 polymer Neuraminidase
2 branched 2-acetamido-2-deoxy-beta-D-glucopyranose-(1-4)-2-acetamido-2-deoxy-beta-D-glucopyranose
3 branched alpha-D-mannopyranose-(1-3)-[alpha-D-mannopyranose-(1-6)]beta-D-mannopyranose-(1-4)-2-acetamido-2-deoxy-beta-D-glucopyranose-(1-4)-2-acetamido-2-deoxy-beta-D-glucopyranose
4 non-polymer 'CALCIUM ION'
5 water water
#
_entity_poly.entity_id   1
_entity_poly.type   'polypeptide(L)'
_entity_poly.pdbx_seq_one_letter_code
;VEYRNWSKPQCQITGFAPFSKDNSIRLSAGGDIWVTREPYVSCDPGKCYQFALGQGTTLDNKHSNDTVHDRIPHRTLLMN
ELGVPFHLGTRQVCIAWSSSSCHDGKAWLHVCITGDDKNATASFIYDGRLVDSIGSWSQNILRTQESECVCINGTCTVVM
TDGSASGRADTRILFIEEGKIVHISPLSGSAQHIEECSCYPRYPGVRCICRDNWKGSNRPVVDINMEDYSIDSSYVCSGL
VGDTPRNDDSSSNSNCRNPNNERGTQGVKGWAFDNGNDLWMGRTISKESRSGYETFKVIGGWSTPNSKSQVNRQVIVDNN
NWSGYSGIFSVEGKSCINRCFYVELIRGRPQETRVWWTSNSIVVFCGTSGTYGTGSWPDGANINFMPI
;
_entity_poly.pdbx_strand_id   A,B
#
loop_
_chem_comp.id
_chem_comp.type
_chem_comp.name
_chem_comp.formula
BMA D-saccharide, beta linking beta-D-mannopyranose 'C6 H12 O6'
CA non-polymer 'CALCIUM ION' 'Ca 2'
MAN D-saccharide, alpha linking alpha-D-mannopyranose 'C6 H12 O6'
NAG D-saccharide, beta linking 2-acetamido-2-deoxy-beta-D-glucopyranose 'C8 H15 N O6'
#
# COMPACT_ATOMS: atom_id res chain seq x y z
N VAL A 1 25.55 2.61 4.84
CA VAL A 1 24.74 3.68 5.43
C VAL A 1 24.51 3.42 6.92
N GLU A 2 24.49 4.48 7.71
CA GLU A 2 24.37 4.34 9.16
C GLU A 2 22.96 4.70 9.60
N TYR A 3 22.53 4.14 10.75
CA TYR A 3 21.26 4.56 11.34
C TYR A 3 21.36 6.00 11.80
N ARG A 4 20.28 6.75 11.62
CA ARG A 4 20.14 8.07 12.23
C ARG A 4 20.09 8.01 13.76
N ASN A 5 20.78 8.95 14.41
CA ASN A 5 20.68 9.09 15.87
C ASN A 5 20.10 10.43 16.29
N TRP A 6 20.06 11.38 15.36
CA TRP A 6 19.60 12.75 15.66
C TRP A 6 20.32 13.34 16.87
N SER A 7 21.58 12.94 17.07
CA SER A 7 22.33 13.37 18.24
C SER A 7 23.08 14.67 17.98
N LYS A 8 22.32 15.70 17.59
CA LYS A 8 22.84 17.04 17.47
C LYS A 8 21.88 17.95 18.22
N PRO A 9 22.35 19.14 18.64
CA PRO A 9 21.47 20.11 19.29
C PRO A 9 20.42 20.61 18.32
N GLN A 10 19.30 21.10 18.84
CA GLN A 10 18.26 21.71 18.02
C GLN A 10 18.74 23.05 17.50
N CYS A 11 18.48 23.32 16.22
CA CYS A 11 18.90 24.60 15.65
C CYS A 11 18.22 25.73 16.39
N GLN A 12 18.99 26.75 16.75
CA GLN A 12 18.38 27.90 17.39
C GLN A 12 17.80 28.77 16.29
N ILE A 13 16.48 28.93 16.30
CA ILE A 13 15.83 29.66 15.22
C ILE A 13 15.23 31.01 15.62
N THR A 14 14.84 31.80 14.63
CA THR A 14 14.31 33.14 14.84
C THR A 14 12.93 33.17 14.24
N GLY A 15 12.51 32.04 13.68
CA GLY A 15 11.26 31.96 12.97
C GLY A 15 11.40 30.98 11.81
N PHE A 16 10.52 31.10 10.81
CA PHE A 16 10.52 30.14 9.72
C PHE A 16 10.58 30.81 8.35
N ALA A 17 11.16 30.11 7.38
CA ALA A 17 11.27 30.63 6.02
C ALA A 17 10.55 29.68 5.06
N PRO A 18 10.01 30.23 3.96
CA PRO A 18 9.30 29.44 2.95
C PRO A 18 10.16 28.32 2.41
N PHE A 19 9.59 27.13 2.28
CA PHE A 19 10.35 25.96 1.82
C PHE A 19 9.72 25.27 0.60
N SER A 20 8.42 25.03 0.63
CA SER A 20 7.76 24.35 -0.50
C SER A 20 6.26 24.67 -0.60
N LYS A 21 5.69 24.50 -1.78
CA LYS A 21 4.24 24.67 -1.97
C LYS A 21 3.90 23.85 -3.21
N ASP A 22 2.78 23.13 -3.22
CA ASP A 22 2.51 22.26 -4.36
C ASP A 22 1.39 22.68 -5.30
N ASN A 23 0.54 23.61 -4.85
CA ASN A 23 -0.48 24.18 -5.73
C ASN A 23 -1.42 23.11 -6.29
N SER A 24 -1.64 22.05 -5.52
CA SER A 24 -2.38 20.88 -6.00
C SER A 24 -3.77 21.20 -6.58
N ILE A 25 -4.51 22.07 -5.90
CA ILE A 25 -5.89 22.32 -6.30
C ILE A 25 -5.97 23.21 -7.54
N ARG A 26 -5.12 24.23 -7.62
CA ARG A 26 -5.03 25.03 -8.84
C ARG A 26 -4.72 24.13 -10.05
N LEU A 27 -3.79 23.21 -9.88
CA LEU A 27 -3.36 22.35 -10.97
C LEU A 27 -4.49 21.38 -11.35
N SER A 28 -5.27 20.98 -10.35
CA SER A 28 -6.37 20.02 -10.56
C SER A 28 -7.43 20.51 -11.53
N ALA A 29 -7.47 21.82 -11.75
CA ALA A 29 -8.45 22.40 -12.67
C ALA A 29 -7.99 22.31 -14.12
N GLY A 30 -6.79 21.78 -14.32
CA GLY A 30 -6.23 21.66 -15.66
C GLY A 30 -5.17 20.59 -15.72
N GLY A 31 -5.56 19.37 -15.34
CA GLY A 31 -4.62 18.28 -15.22
C GLY A 31 -5.20 17.22 -14.31
N ASP A 32 -4.67 16.01 -14.40
CA ASP A 32 -5.15 14.89 -13.62
C ASP A 32 -4.33 14.76 -12.34
N ILE A 33 -4.95 15.15 -11.22
CA ILE A 33 -4.26 15.24 -9.94
C ILE A 33 -5.06 14.49 -8.90
N TRP A 34 -4.39 13.71 -8.06
CA TRP A 34 -5.04 12.94 -7.01
C TRP A 34 -5.87 13.80 -6.04
N VAL A 35 -7.02 13.27 -5.63
CA VAL A 35 -7.72 13.78 -4.46
C VAL A 35 -7.06 13.21 -3.23
N THR A 36 -6.71 14.09 -2.28
CA THR A 36 -6.02 13.68 -1.07
C THR A 36 -6.56 14.39 0.17
N ARG A 37 -6.06 13.96 1.33
CA ARG A 37 -6.13 14.71 2.58
C ARG A 37 -5.11 14.09 3.53
N GLU A 38 -4.98 14.67 4.72
CA GLU A 38 -4.01 14.21 5.71
C GLU A 38 -2.59 14.12 5.14
N PRO A 39 -2.09 15.20 4.55
CA PRO A 39 -0.73 15.12 4.01
C PRO A 39 0.31 15.27 5.12
N TYR A 40 1.57 14.95 4.80
CA TYR A 40 2.69 15.27 5.67
C TYR A 40 4.01 15.23 4.90
N VAL A 41 5.09 15.56 5.58
CA VAL A 41 6.40 15.59 4.94
C VAL A 41 7.38 14.81 5.80
N SER A 42 8.28 14.08 5.15
CA SER A 42 9.35 13.38 5.86
C SER A 42 10.54 13.27 4.93
N CYS A 43 11.74 13.31 5.48
CA CYS A 43 12.92 13.34 4.63
C CYS A 43 13.86 12.17 4.92
N ASP A 44 14.43 11.60 3.86
CA ASP A 44 15.57 10.69 4.02
C ASP A 44 16.82 11.55 4.26
N PRO A 45 17.99 10.93 4.49
CA PRO A 45 19.13 11.81 4.78
C PRO A 45 19.53 12.77 3.65
N GLY A 46 19.08 12.50 2.43
CA GLY A 46 19.39 13.37 1.30
C GLY A 46 18.31 14.35 0.89
N LYS A 47 17.06 13.89 0.85
CA LYS A 47 15.97 14.77 0.42
C LYS A 47 14.61 14.49 1.01
N CYS A 48 13.70 15.43 0.80
CA CYS A 48 12.39 15.39 1.43
C CYS A 48 11.33 14.86 0.49
N TYR A 49 10.32 14.22 1.09
CA TYR A 49 9.18 13.69 0.35
C TYR A 49 7.87 14.22 0.89
N GLN A 50 6.90 14.43 0.01
CA GLN A 50 5.55 14.72 0.48
C GLN A 50 4.69 13.47 0.40
N PHE A 51 3.86 13.28 1.42
CA PHE A 51 2.98 12.13 1.53
C PHE A 51 1.56 12.63 1.67
N ALA A 52 0.57 11.83 1.29
CA ALA A 52 -0.82 12.11 1.64
C ALA A 52 -1.68 10.86 1.50
N LEU A 53 -2.90 10.90 2.05
CA LEU A 53 -3.82 9.80 1.82
C LEU A 53 -4.64 10.09 0.57
N GLY A 54 -4.44 9.30 -0.48
CA GLY A 54 -5.27 9.44 -1.67
C GLY A 54 -6.70 9.02 -1.37
N GLN A 55 -7.63 9.42 -2.23
CA GLN A 55 -9.00 8.96 -2.14
C GLN A 55 -9.35 8.01 -3.29
N GLY A 56 -8.31 7.40 -3.87
CA GLY A 56 -8.51 6.44 -4.96
C GLY A 56 -9.08 7.06 -6.23
N THR A 57 -8.84 8.34 -6.42
CA THR A 57 -9.39 9.04 -7.57
C THR A 57 -8.65 10.34 -7.81
N THR A 58 -8.76 10.86 -9.02
CA THR A 58 -8.28 12.21 -9.30
C THR A 58 -9.43 13.18 -9.06
N LEU A 59 -9.15 14.48 -9.13
CA LEU A 59 -10.18 15.47 -8.79
C LEU A 59 -11.22 15.66 -9.90
N ASP A 60 -10.74 15.82 -11.13
CA ASP A 60 -11.63 15.97 -12.28
C ASP A 60 -12.03 14.57 -12.73
N ASN A 61 -13.01 13.99 -12.06
CA ASN A 61 -13.31 12.57 -12.12
C ASN A 61 -14.57 12.41 -11.29
N LYS A 62 -15.58 11.72 -11.80
CA LYS A 62 -16.82 11.57 -11.03
C LYS A 62 -16.64 10.88 -9.68
N HIS A 63 -15.58 10.10 -9.53
CA HIS A 63 -15.32 9.42 -8.25
C HIS A 63 -14.87 10.38 -7.16
N SER A 64 -14.63 11.64 -7.52
CA SER A 64 -14.22 12.62 -6.52
C SER A 64 -15.41 13.02 -5.65
N ASN A 65 -16.61 12.69 -6.12
CA ASN A 65 -17.85 13.05 -5.43
C ASN A 65 -17.89 12.45 -4.03
N ASP A 66 -18.21 13.28 -3.04
CA ASP A 66 -18.33 12.84 -1.64
C ASP A 66 -17.07 12.23 -1.06
N THR A 67 -15.91 12.78 -1.42
CA THR A 67 -14.65 12.39 -0.82
C THR A 67 -14.40 13.07 0.51
N VAL A 68 -15.44 13.65 1.10
CA VAL A 68 -15.30 14.21 2.45
C VAL A 68 -15.04 13.09 3.46
N HIS A 69 -15.53 11.89 3.17
CA HIS A 69 -15.41 10.77 4.11
C HIS A 69 -13.97 10.35 4.38
N ASP A 70 -13.66 10.04 5.64
CA ASP A 70 -12.29 9.78 6.05
C ASP A 70 -11.80 8.37 5.71
N ARG A 71 -12.71 7.41 5.63
CA ARG A 71 -12.29 6.01 5.51
C ARG A 71 -13.04 5.23 4.43
N ILE A 72 -12.31 4.89 3.36
CA ILE A 72 -12.80 3.96 2.32
C ILE A 72 -11.65 3.00 1.97
N PRO A 73 -11.98 1.83 1.41
CA PRO A 73 -10.93 0.84 1.15
C PRO A 73 -9.93 1.28 0.08
N HIS A 74 -10.29 2.33 -0.65
CA HIS A 74 -9.51 2.76 -1.79
C HIS A 74 -8.47 3.80 -1.45
N ARG A 75 -8.46 4.28 -0.20
CA ARG A 75 -7.40 5.20 0.24
C ARG A 75 -6.07 4.47 0.30
N THR A 76 -5.04 5.10 -0.28
CA THR A 76 -3.69 4.58 -0.30
C THR A 76 -2.73 5.70 0.06
N LEU A 77 -1.59 5.36 0.63
CA LEU A 77 -0.58 6.37 0.95
C LEU A 77 0.22 6.74 -0.29
N LEU A 78 0.23 8.01 -0.66
CA LEU A 78 1.00 8.50 -1.81
C LEU A 78 2.33 9.08 -1.34
N MET A 79 3.37 8.91 -2.15
CA MET A 79 4.70 9.42 -1.82
C MET A 79 5.40 9.96 -3.07
N ASN A 80 5.68 11.26 -3.08
CA ASN A 80 6.50 11.90 -4.11
C ASN A 80 7.62 12.69 -3.46
N GLU A 81 8.62 13.05 -4.25
CA GLU A 81 9.56 14.06 -3.80
C GLU A 81 8.80 15.34 -3.52
N LEU A 82 9.23 16.05 -2.46
CA LEU A 82 8.56 17.28 -2.05
C LEU A 82 8.52 18.29 -3.19
N GLY A 83 7.32 18.79 -3.49
CA GLY A 83 7.18 19.76 -4.59
C GLY A 83 6.71 19.15 -5.90
N VAL A 84 6.72 17.81 -5.99
CA VAL A 84 6.13 17.13 -7.13
C VAL A 84 4.67 16.84 -6.77
N PRO A 85 3.74 17.51 -7.45
CA PRO A 85 2.31 17.31 -7.12
C PRO A 85 1.88 15.86 -7.39
N PHE A 86 0.76 15.46 -6.81
CA PHE A 86 0.31 14.07 -6.92
C PHE A 86 -0.36 13.81 -8.27
N HIS A 87 0.50 13.60 -9.27
CA HIS A 87 0.07 13.31 -10.63
C HIS A 87 -0.09 11.80 -10.79
N LEU A 88 -0.48 11.35 -11.98
CA LEU A 88 -0.82 9.94 -12.17
C LEU A 88 0.36 8.98 -12.10
N GLY A 89 1.58 9.51 -12.13
CA GLY A 89 2.77 8.69 -11.96
C GLY A 89 3.18 8.51 -10.51
N THR A 90 2.39 9.06 -9.59
CA THR A 90 2.65 8.94 -8.16
C THR A 90 2.54 7.49 -7.68
N ARG A 91 3.51 7.05 -6.88
CA ARG A 91 3.46 5.70 -6.29
C ARG A 91 2.55 5.64 -5.08
N GLN A 92 1.63 4.67 -5.09
CA GLN A 92 0.83 4.35 -3.93
C GLN A 92 1.59 3.31 -3.12
N VAL A 93 2.12 3.75 -1.99
CA VAL A 93 3.06 2.98 -1.16
C VAL A 93 2.42 1.82 -0.38
N CYS A 94 1.16 1.98 -0.01
CA CYS A 94 0.42 0.97 0.73
C CYS A 94 -1.05 1.34 0.78
N ILE A 95 -1.88 0.43 1.28
CA ILE A 95 -3.29 0.73 1.45
C ILE A 95 -3.44 1.36 2.84
N ALA A 96 -4.08 2.53 2.92
CA ALA A 96 -4.13 3.27 4.17
C ALA A 96 -5.17 4.37 4.21
N TRP A 97 -6.02 4.35 5.25
CA TRP A 97 -6.83 5.52 5.58
C TRP A 97 -6.31 6.26 6.82
N SER A 98 -5.18 5.76 7.34
CA SER A 98 -4.43 6.44 8.38
C SER A 98 -2.99 5.95 8.24
N SER A 99 -2.01 6.82 8.42
CA SER A 99 -0.62 6.39 8.22
C SER A 99 0.42 7.19 8.98
N SER A 100 1.63 6.66 8.99
CA SER A 100 2.83 7.40 9.41
C SER A 100 4.00 6.81 8.66
N SER A 101 5.00 7.63 8.34
CA SER A 101 6.19 7.12 7.67
C SER A 101 7.43 7.77 8.22
N CYS A 102 8.55 7.05 8.16
CA CYS A 102 9.83 7.59 8.60
C CYS A 102 10.99 6.77 8.06
N HIS A 103 12.15 7.40 7.96
CA HIS A 103 13.35 6.77 7.42
C HIS A 103 14.35 6.65 8.58
N ASP A 104 14.94 5.48 8.76
CA ASP A 104 15.81 5.26 9.92
C ASP A 104 17.29 5.50 9.63
N GLY A 105 17.59 6.04 8.45
CA GLY A 105 18.95 6.24 8.02
C GLY A 105 19.35 5.23 6.96
N LYS A 106 18.62 4.12 6.92
CA LYS A 106 18.91 3.03 6.00
C LYS A 106 17.74 2.77 5.05
N ALA A 107 16.53 2.82 5.57
CA ALA A 107 15.35 2.52 4.75
C ALA A 107 14.09 3.16 5.29
N TRP A 108 13.06 3.22 4.44
CA TRP A 108 11.76 3.75 4.84
C TRP A 108 10.92 2.74 5.60
N LEU A 109 10.29 3.20 6.66
CA LEU A 109 9.22 2.48 7.34
C LEU A 109 7.90 3.15 7.01
N HIS A 110 6.89 2.37 6.68
CA HIS A 110 5.55 2.90 6.53
C HIS A 110 4.60 2.14 7.44
N VAL A 111 3.75 2.88 8.16
CA VAL A 111 2.72 2.31 9.02
C VAL A 111 1.40 2.63 8.36
N CYS A 112 0.70 1.59 7.90
CA CYS A 112 -0.50 1.79 7.09
C CYS A 112 -1.71 1.06 7.66
N ILE A 113 -2.78 1.81 7.90
CA ILE A 113 -3.97 1.24 8.53
C ILE A 113 -5.16 1.27 7.56
N THR A 114 -5.82 0.14 7.41
CA THR A 114 -6.99 0.07 6.54
C THR A 114 -7.95 -0.99 7.03
N GLY A 115 -9.11 -1.12 6.37
CA GLY A 115 -10.07 -2.14 6.75
C GLY A 115 -11.26 -1.61 7.52
N ASP A 116 -12.04 -2.52 8.12
CA ASP A 116 -13.27 -2.17 8.85
C ASP A 116 -13.01 -1.28 10.07
N ASP A 117 -13.93 -0.34 10.33
CA ASP A 117 -13.82 0.55 11.49
C ASP A 117 -13.60 -0.24 12.79
N LYS A 118 -14.37 -1.31 12.97
CA LYS A 118 -14.32 -2.10 14.20
C LYS A 118 -13.25 -3.18 14.22
N ASN A 119 -12.48 -3.33 13.15
CA ASN A 119 -11.53 -4.42 13.09
C ASN A 119 -10.45 -4.10 12.05
N ALA A 120 -9.78 -2.96 12.22
CA ALA A 120 -8.80 -2.53 11.23
C ALA A 120 -7.50 -3.31 11.34
N THR A 121 -6.66 -3.17 10.33
CA THR A 121 -5.34 -3.80 10.32
C THR A 121 -4.29 -2.72 10.07
N ALA A 122 -3.24 -2.72 10.89
CA ALA A 122 -2.08 -1.87 10.64
C ALA A 122 -0.98 -2.74 10.04
N SER A 123 -0.51 -2.37 8.85
CA SER A 123 0.60 -3.07 8.22
C SER A 123 1.89 -2.27 8.42
N PHE A 124 2.99 -2.98 8.66
CA PHE A 124 4.30 -2.36 8.79
C PHE A 124 5.20 -2.80 7.65
N ILE A 125 5.55 -1.84 6.80
CA ILE A 125 6.34 -2.08 5.60
C ILE A 125 7.68 -1.39 5.74
N TYR A 126 8.76 -2.15 5.61
CA TYR A 126 10.09 -1.61 5.80
C TYR A 126 10.98 -2.05 4.66
N ASP A 127 11.69 -1.10 4.05
CA ASP A 127 12.61 -1.40 2.96
C ASP A 127 11.88 -2.18 1.85
N GLY A 128 10.65 -1.79 1.56
CA GLY A 128 9.94 -2.33 0.42
C GLY A 128 9.25 -3.66 0.65
N ARG A 129 9.17 -4.12 1.90
CA ARG A 129 8.48 -5.38 2.16
C ARG A 129 7.68 -5.37 3.46
N LEU A 130 6.60 -6.15 3.47
CA LEU A 130 5.78 -6.27 4.67
C LEU A 130 6.50 -7.09 5.72
N VAL A 131 6.75 -6.49 6.89
CA VAL A 131 7.48 -7.17 7.95
C VAL A 131 6.57 -7.56 9.13
N ASP A 132 5.54 -6.77 9.39
CA ASP A 132 4.69 -7.05 10.53
C ASP A 132 3.29 -6.48 10.33
N SER A 133 2.37 -6.86 11.21
CA SER A 133 1.04 -6.28 11.24
C SER A 133 0.44 -6.46 12.61
N ILE A 134 -0.55 -5.64 12.94
CA ILE A 134 -1.28 -5.78 14.19
C ILE A 134 -2.73 -5.41 13.93
N GLY A 135 -3.63 -6.12 14.60
CA GLY A 135 -5.04 -5.81 14.49
C GLY A 135 -5.52 -4.87 15.59
N SER A 136 -6.72 -4.34 15.39
CA SER A 136 -7.34 -3.41 16.32
C SER A 136 -7.43 -4.01 17.74
N TRP A 137 -7.09 -3.21 18.74
CA TRP A 137 -7.16 -3.67 20.13
C TRP A 137 -8.38 -3.19 20.90
N SER A 138 -9.08 -2.20 20.36
CA SER A 138 -10.28 -1.67 21.01
C SER A 138 -11.49 -1.64 20.09
N GLN A 139 -11.31 -2.13 18.86
CA GLN A 139 -12.45 -2.29 17.95
C GLN A 139 -13.16 -0.99 17.63
N ASN A 140 -12.40 0.09 17.50
CA ASN A 140 -13.00 1.39 17.26
C ASN A 140 -12.02 2.33 16.57
N ILE A 141 -11.81 2.07 15.28
CA ILE A 141 -10.95 2.88 14.40
C ILE A 141 -9.51 3.01 14.91
N LEU A 142 -8.76 1.92 14.87
CA LEU A 142 -7.30 1.97 15.06
C LEU A 142 -6.72 3.06 14.15
N ARG A 143 -5.87 3.91 14.69
CA ARG A 143 -5.44 5.09 13.94
C ARG A 143 -4.10 5.64 14.43
N THR A 144 -3.44 6.43 13.58
CA THR A 144 -2.09 6.87 13.93
C THR A 144 -1.81 8.33 13.58
N GLN A 145 -0.54 8.68 13.42
CA GLN A 145 -0.11 10.09 13.49
C GLN A 145 -0.56 11.02 12.37
N GLU A 146 -0.63 10.51 11.14
CA GLU A 146 -0.73 11.35 9.92
C GLU A 146 0.42 12.34 9.78
N SER A 147 1.56 11.99 10.36
CA SER A 147 2.82 12.69 10.11
C SER A 147 3.97 11.73 10.41
N GLU A 148 5.20 12.23 10.35
CA GLU A 148 6.36 11.34 10.38
C GLU A 148 6.57 10.69 11.73
N CYS A 149 6.95 9.42 11.70
CA CYS A 149 7.44 8.74 12.89
C CYS A 149 8.90 9.11 13.06
N VAL A 150 9.54 8.59 14.10
CA VAL A 150 10.90 9.02 14.43
C VAL A 150 11.73 7.81 14.80
N CYS A 151 12.94 7.72 14.25
CA CYS A 151 13.81 6.59 14.53
C CYS A 151 15.12 7.05 15.16
N ILE A 152 15.54 6.35 16.21
CA ILE A 152 16.86 6.57 16.77
C ILE A 152 17.61 5.25 16.91
N ASN A 153 18.80 5.21 16.34
CA ASN A 153 19.65 4.03 16.35
C ASN A 153 18.93 2.75 15.89
N GLY A 154 18.06 2.89 14.89
CA GLY A 154 17.45 1.72 14.28
C GLY A 154 16.14 1.30 14.90
N THR A 155 15.71 2.01 15.92
CA THR A 155 14.39 1.78 16.50
C THR A 155 13.48 2.95 16.18
N CYS A 156 12.36 2.67 15.53
CA CYS A 156 11.41 3.73 15.19
C CYS A 156 10.24 3.64 16.14
N THR A 157 9.70 4.80 16.52
CA THR A 157 8.53 4.83 17.39
C THR A 157 7.38 5.50 16.68
N VAL A 158 6.16 5.03 16.98
CA VAL A 158 4.96 5.63 16.44
C VAL A 158 3.84 5.52 17.47
N VAL A 159 2.96 6.51 17.52
CA VAL A 159 1.89 6.55 18.51
C VAL A 159 0.60 6.18 17.81
N MET A 160 -0.16 5.25 18.38
CA MET A 160 -1.43 4.82 17.81
C MET A 160 -2.53 4.83 18.86
N THR A 161 -3.75 5.08 18.41
CA THR A 161 -4.90 5.12 19.31
C THR A 161 -6.00 4.23 18.75
N ASP A 162 -6.77 3.60 19.63
CA ASP A 162 -7.92 2.82 19.24
C ASP A 162 -8.96 3.06 20.32
N GLY A 163 -10.19 3.34 19.93
CA GLY A 163 -11.20 3.68 20.93
C GLY A 163 -11.94 4.96 20.62
N SER A 164 -12.71 5.43 21.60
CA SER A 164 -13.59 6.58 21.42
C SER A 164 -12.88 7.86 20.97
N ALA A 165 -13.54 8.62 20.11
CA ALA A 165 -13.05 9.94 19.71
C ALA A 165 -13.57 11.04 20.64
N SER A 166 -14.41 10.66 21.60
CA SER A 166 -15.06 11.64 22.45
C SER A 166 -15.12 11.19 23.91
N GLY A 167 -14.09 10.47 24.33
CA GLY A 167 -14.04 9.89 25.67
C GLY A 167 -12.74 9.12 25.80
N ARG A 168 -12.51 8.50 26.95
CA ARG A 168 -11.27 7.76 27.20
C ARG A 168 -11.01 6.68 26.14
N ALA A 169 -9.77 6.61 25.66
CA ALA A 169 -9.42 5.65 24.62
C ALA A 169 -8.15 4.90 24.95
N ASP A 170 -7.72 4.01 24.06
CA ASP A 170 -6.57 3.16 24.35
C ASP A 170 -5.39 3.53 23.43
N THR A 171 -4.47 4.32 23.97
CA THR A 171 -3.33 4.77 23.19
C THR A 171 -2.08 3.97 23.53
N ARG A 172 -1.36 3.54 22.49
CA ARG A 172 -0.16 2.74 22.68
C ARG A 172 0.99 3.27 21.85
N ILE A 173 2.21 3.04 22.34
CA ILE A 173 3.39 3.54 21.66
C ILE A 173 4.20 2.33 21.22
N LEU A 174 4.41 2.21 19.92
CA LEU A 174 5.07 1.05 19.36
C LEU A 174 6.54 1.33 19.09
N PHE A 175 7.37 0.31 19.28
CA PHE A 175 8.79 0.40 18.98
C PHE A 175 9.10 -0.65 17.93
N ILE A 176 9.68 -0.20 16.82
CA ILE A 176 9.79 -1.02 15.63
C ILE A 176 11.21 -1.05 15.10
N GLU A 177 11.76 -2.25 14.91
CA GLU A 177 13.10 -2.40 14.38
C GLU A 177 13.07 -3.11 13.04
N GLU A 178 13.50 -2.42 11.99
CA GLU A 178 13.45 -2.94 10.62
C GLU A 178 12.07 -3.51 10.28
N GLY A 179 11.02 -2.82 10.71
CA GLY A 179 9.66 -3.19 10.39
C GLY A 179 9.01 -4.13 11.38
N LYS A 180 9.80 -4.64 12.32
CA LYS A 180 9.34 -5.62 13.30
C LYS A 180 8.98 -4.95 14.63
N ILE A 181 7.75 -5.15 15.10
CA ILE A 181 7.34 -4.64 16.40
C ILE A 181 8.09 -5.38 17.49
N VAL A 182 8.90 -4.66 18.26
CA VAL A 182 9.70 -5.31 19.31
C VAL A 182 9.20 -5.01 20.72
N HIS A 183 8.39 -3.96 20.84
CA HIS A 183 7.83 -3.57 22.13
C HIS A 183 6.64 -2.65 21.94
N ILE A 184 5.65 -2.79 22.82
CA ILE A 184 4.50 -1.89 22.83
C ILE A 184 4.29 -1.38 24.24
N SER A 185 4.30 -0.05 24.40
CA SER A 185 4.07 0.57 25.72
C SER A 185 2.73 1.29 25.77
N PRO A 186 1.98 1.10 26.84
CA PRO A 186 0.71 1.83 26.99
C PRO A 186 1.00 3.28 27.28
N LEU A 187 0.09 4.17 26.91
CA LEU A 187 0.21 5.58 27.32
C LEU A 187 0.20 5.66 28.84
N SER A 188 1.04 6.55 29.38
CA SER A 188 1.13 6.78 30.82
C SER A 188 1.24 8.30 31.03
N GLY A 189 0.98 8.77 32.25
CA GLY A 189 1.05 10.20 32.53
C GLY A 189 -0.32 10.86 32.63
N SER A 190 -0.38 12.17 32.44
CA SER A 190 -1.62 12.89 32.68
C SER A 190 -2.42 13.29 31.44
N ALA A 191 -1.91 12.99 30.25
CA ALA A 191 -2.68 13.25 29.05
C ALA A 191 -3.90 12.35 29.05
N GLN A 192 -5.07 12.92 28.79
CA GLN A 192 -6.29 12.11 28.91
C GLN A 192 -6.90 11.64 27.59
N HIS A 193 -6.42 12.22 26.49
CA HIS A 193 -6.87 11.80 25.17
C HIS A 193 -5.81 12.18 24.15
N ILE A 194 -5.47 11.23 23.28
CA ILE A 194 -4.37 11.42 22.34
C ILE A 194 -4.76 11.06 20.91
N GLU A 195 -4.62 12.01 20.00
CA GLU A 195 -4.86 11.76 18.59
C GLU A 195 -3.74 12.42 17.79
N GLU A 196 -3.42 11.83 16.64
CA GLU A 196 -2.65 12.50 15.61
C GLU A 196 -1.37 13.21 16.10
N CYS A 197 -0.49 12.48 16.77
CA CYS A 197 0.72 13.08 17.32
C CYS A 197 1.69 13.61 16.27
N SER A 198 2.24 14.79 16.54
CA SER A 198 3.34 15.32 15.76
C SER A 198 4.61 15.17 16.57
N CYS A 199 5.42 14.20 16.19
CA CYS A 199 6.56 13.81 17.00
C CYS A 199 7.85 14.30 16.39
N TYR A 200 8.87 14.43 17.22
CA TYR A 200 10.18 14.86 16.73
C TYR A 200 11.28 14.30 17.61
N PRO A 201 12.47 14.08 17.02
CA PRO A 201 13.56 13.60 17.86
C PRO A 201 14.06 14.69 18.80
N ARG A 202 14.28 14.31 20.05
CA ARG A 202 14.88 15.19 21.03
C ARG A 202 15.83 14.32 21.80
N TYR A 203 16.97 14.03 21.18
CA TYR A 203 17.93 13.06 21.68
C TYR A 203 18.16 13.25 23.17
N PRO A 204 18.15 12.15 23.94
CA PRO A 204 18.08 10.73 23.54
C PRO A 204 16.69 10.17 23.31
N GLY A 205 15.63 10.98 23.39
CA GLY A 205 14.29 10.45 23.26
C GLY A 205 13.48 11.05 22.13
N VAL A 206 12.16 10.86 22.18
CA VAL A 206 11.26 11.41 21.18
C VAL A 206 10.16 12.17 21.91
N ARG A 207 9.79 13.34 21.40
CA ARG A 207 8.74 14.14 22.00
C ARG A 207 7.63 14.38 20.99
N CYS A 208 6.37 14.27 21.44
CA CYS A 208 5.22 14.46 20.56
C CYS A 208 4.26 15.48 21.12
N ILE A 209 3.73 16.32 20.23
CA ILE A 209 2.67 17.26 20.60
C ILE A 209 1.47 16.77 19.83
N CYS A 210 0.35 16.53 20.52
CA CYS A 210 -0.75 15.83 19.87
C CYS A 210 -2.06 16.61 19.93
N ARG A 211 -3.16 15.90 19.76
CA ARG A 211 -4.49 16.50 19.75
C ARG A 211 -5.37 15.77 20.76
N ASP A 212 -5.98 16.53 21.66
CA ASP A 212 -6.94 16.00 22.62
C ASP A 212 -8.32 16.28 22.06
N ASN A 213 -9.07 15.22 21.76
CA ASN A 213 -10.36 15.35 21.08
C ASN A 213 -11.55 15.32 22.03
N TRP A 214 -11.24 15.23 23.32
CA TRP A 214 -12.25 14.98 24.35
C TRP A 214 -12.48 16.19 25.27
N LYS A 215 -11.50 16.51 26.11
CA LYS A 215 -11.68 17.62 27.05
C LYS A 215 -10.70 18.79 26.94
N GLY A 216 -9.76 18.73 25.99
CA GLY A 216 -8.73 19.77 25.96
C GLY A 216 -8.64 20.56 24.67
N SER A 217 -8.53 21.88 24.79
CA SER A 217 -8.11 22.71 23.67
C SER A 217 -6.63 23.04 23.83
N ASN A 218 -6.07 22.70 24.99
CA ASN A 218 -4.63 22.66 25.11
C ASN A 218 -4.10 21.34 24.53
N ARG A 219 -2.90 21.37 23.95
CA ARG A 219 -2.38 20.17 23.28
C ARG A 219 -1.60 19.26 24.23
N PRO A 220 -1.91 17.96 24.21
CA PRO A 220 -1.19 16.99 25.03
C PRO A 220 0.25 16.83 24.55
N VAL A 221 1.13 16.43 25.47
CA VAL A 221 2.51 16.12 25.14
C VAL A 221 2.74 14.66 25.50
N VAL A 222 3.43 13.92 24.62
CA VAL A 222 3.84 12.56 24.95
C VAL A 222 5.34 12.46 24.84
N ASP A 223 5.99 12.03 25.92
CA ASP A 223 7.45 11.86 25.90
C ASP A 223 7.78 10.39 25.89
N ILE A 224 8.70 10.02 25.00
CA ILE A 224 9.00 8.62 24.74
C ILE A 224 10.45 8.34 25.05
N ASN A 225 10.70 7.45 26.01
CA ASN A 225 12.06 7.06 26.35
C ASN A 225 12.47 5.88 25.49
N MET A 226 13.50 6.05 24.66
CA MET A 226 13.89 5.02 23.71
C MET A 226 14.84 3.99 24.31
N GLU A 227 15.32 4.25 25.52
CA GLU A 227 16.21 3.30 26.19
C GLU A 227 15.42 2.21 26.92
N ASP A 228 14.32 2.62 27.56
CA ASP A 228 13.57 1.70 28.40
C ASP A 228 12.09 1.60 28.06
N TYR A 229 11.68 2.30 27.01
CA TYR A 229 10.31 2.25 26.49
C TYR A 229 9.30 2.90 27.42
N SER A 230 9.75 3.60 28.45
CA SER A 230 8.81 4.25 29.35
C SER A 230 8.17 5.47 28.69
N ILE A 231 6.95 5.76 29.12
CA ILE A 231 6.17 6.84 28.53
C ILE A 231 5.78 7.83 29.62
N ASP A 232 5.79 9.12 29.27
CA ASP A 232 5.25 10.15 30.14
C ASP A 232 4.39 11.04 29.26
N SER A 233 3.46 11.77 29.87
CA SER A 233 2.60 12.65 29.11
C SER A 233 2.08 13.78 29.99
N SER A 234 1.72 14.89 29.34
CA SER A 234 1.22 16.06 30.04
C SER A 234 0.52 16.94 29.02
N TYR A 235 0.45 18.24 29.30
CA TYR A 235 -0.07 19.20 28.33
C TYR A 235 0.89 20.35 28.15
N VAL A 236 0.90 20.93 26.94
CA VAL A 236 1.69 22.12 26.66
C VAL A 236 1.31 23.24 27.65
N CYS A 237 2.30 23.85 28.30
CA CYS A 237 2.04 24.88 29.32
C CYS A 237 1.35 26.12 28.82
N SER A 238 1.69 26.52 27.58
CA SER A 238 1.28 27.81 27.05
C SER A 238 -0.21 28.10 27.23
N GLY A 239 -0.50 29.30 27.69
CA GLY A 239 -1.87 29.74 27.88
C GLY A 239 -2.44 30.17 26.54
N LEU A 240 -1.56 30.34 25.55
CA LEU A 240 -1.99 30.47 24.17
C LEU A 240 -2.03 29.06 23.62
N VAL A 241 -3.23 28.52 23.47
CA VAL A 241 -3.35 27.10 23.19
C VAL A 241 -3.43 26.81 21.70
N GLY A 242 -3.14 25.58 21.32
CA GLY A 242 -2.91 25.24 19.92
C GLY A 242 -4.01 24.55 19.15
N ASP A 243 -5.05 24.10 19.85
CA ASP A 243 -6.08 23.28 19.21
C ASP A 243 -7.15 24.19 18.61
N THR A 244 -8.01 23.60 17.79
CA THR A 244 -9.16 24.28 17.22
C THR A 244 -10.31 23.28 17.24
N PRO A 245 -11.42 23.60 17.94
CA PRO A 245 -11.76 24.86 18.60
C PRO A 245 -11.00 25.13 19.91
N ARG A 246 -11.13 26.37 20.39
CA ARG A 246 -10.46 26.84 21.59
C ARG A 246 -11.10 28.15 22.01
N ASN A 247 -10.87 28.58 23.25
CA ASN A 247 -11.31 29.91 23.70
C ASN A 247 -10.42 30.99 23.07
N ASP A 248 -10.91 32.23 23.05
CA ASP A 248 -10.05 33.35 22.66
C ASP A 248 -8.85 33.50 23.61
N ASP A 249 -7.83 34.22 23.17
CA ASP A 249 -6.58 34.33 23.91
C ASP A 249 -6.77 34.93 25.31
N SER A 250 -7.79 35.76 25.48
CA SER A 250 -8.01 36.41 26.77
C SER A 250 -8.67 35.47 27.79
N SER A 251 -9.24 34.36 27.32
CA SER A 251 -9.94 33.45 28.22
C SER A 251 -9.48 31.99 28.13
N SER A 252 -8.39 31.75 27.42
CA SER A 252 -7.83 30.40 27.31
C SER A 252 -6.87 30.10 28.45
N ASN A 253 -6.74 28.83 28.82
CA ASN A 253 -5.84 28.44 29.90
C ASN A 253 -5.20 27.08 29.70
N SER A 254 -4.00 26.90 30.26
CA SER A 254 -3.41 25.57 30.43
C SER A 254 -2.62 25.53 31.73
N ASN A 255 -2.69 24.40 32.45
CA ASN A 255 -1.89 24.23 33.67
C ASN A 255 -0.73 23.24 33.53
N CYS A 256 -0.44 22.83 32.29
CA CYS A 256 0.62 21.87 31.95
C CYS A 256 0.28 20.41 32.25
N ARG A 257 -0.79 20.16 33.00
CA ARG A 257 -1.05 18.81 33.52
C ARG A 257 -2.37 18.18 33.08
N ASN A 258 -3.42 18.99 33.00
CA ASN A 258 -4.75 18.46 32.75
C ASN A 258 -5.36 19.11 31.51
N PRO A 259 -6.30 18.43 30.86
CA PRO A 259 -7.07 19.10 29.81
C PRO A 259 -7.82 20.29 30.40
N ASN A 260 -7.93 21.37 29.64
CA ASN A 260 -8.46 22.62 30.19
C ASN A 260 -9.98 22.73 30.24
N ASN A 261 -10.68 21.76 29.66
CA ASN A 261 -12.15 21.80 29.58
C ASN A 261 -12.67 23.11 29.00
N GLU A 262 -11.92 23.67 28.06
CA GLU A 262 -12.36 24.86 27.33
C GLU A 262 -12.54 24.48 25.86
N ARG A 263 -13.80 24.42 25.41
CA ARG A 263 -14.13 23.98 24.05
C ARG A 263 -13.34 22.74 23.68
N GLY A 264 -13.24 21.80 24.62
CA GLY A 264 -12.29 20.71 24.49
C GLY A 264 -12.63 19.67 23.44
N THR A 265 -13.92 19.43 23.23
CA THR A 265 -14.32 18.37 22.31
C THR A 265 -13.91 18.74 20.89
N GLN A 266 -13.54 17.71 20.13
CA GLN A 266 -13.02 17.87 18.78
C GLN A 266 -11.64 18.52 18.77
N GLY A 267 -11.13 18.88 17.59
CA GLY A 267 -9.77 19.35 17.51
C GLY A 267 -9.26 19.30 16.08
N VAL A 268 -7.98 19.55 15.92
CA VAL A 268 -7.32 19.50 14.62
C VAL A 268 -5.89 19.08 14.89
N LYS A 269 -5.30 18.32 13.96
CA LYS A 269 -3.91 17.93 14.12
C LYS A 269 -3.03 19.17 14.09
N GLY A 270 -2.03 19.22 14.96
CA GLY A 270 -1.14 20.36 15.03
C GLY A 270 0.22 20.00 15.63
N TRP A 271 1.02 21.01 15.93
CA TRP A 271 2.38 20.78 16.39
C TRP A 271 2.88 21.93 17.26
N ALA A 272 3.99 21.68 17.95
CA ALA A 272 4.73 22.70 18.70
C ALA A 272 6.05 22.03 19.04
N PHE A 273 7.06 22.82 19.41
CA PHE A 273 8.28 22.22 19.94
C PHE A 273 8.91 23.14 20.98
N ASP A 274 9.65 22.53 21.91
CA ASP A 274 10.26 23.29 22.99
C ASP A 274 11.62 23.84 22.60
N ASN A 275 11.95 25.01 23.13
CA ASN A 275 13.34 25.44 23.15
C ASN A 275 13.65 26.04 24.51
N GLY A 276 14.30 25.25 25.36
CA GLY A 276 14.49 25.64 26.75
C GLY A 276 13.13 25.84 27.40
N ASN A 277 12.91 27.02 27.96
CA ASN A 277 11.64 27.34 28.61
C ASN A 277 10.59 27.82 27.62
N ASP A 278 11.01 28.11 26.40
CA ASP A 278 10.13 28.72 25.41
C ASP A 278 9.51 27.68 24.49
N LEU A 279 8.50 28.11 23.75
CA LEU A 279 7.76 27.20 22.88
C LEU A 279 7.56 27.81 21.51
N TRP A 280 7.90 27.07 20.46
CA TRP A 280 7.46 27.45 19.12
C TRP A 280 6.23 26.64 18.78
N MET A 281 5.21 27.30 18.25
CA MET A 281 3.97 26.60 17.93
C MET A 281 3.28 27.24 16.74
N GLY A 282 2.45 26.45 16.06
CA GLY A 282 1.58 26.95 15.03
C GLY A 282 0.14 26.69 15.45
N ARG A 283 -0.80 27.37 14.81
CA ARG A 283 -2.23 27.08 15.00
C ARG A 283 -3.04 27.80 13.93
N THR A 284 -4.30 27.39 13.76
CA THR A 284 -5.20 28.15 12.90
C THR A 284 -5.39 29.54 13.49
N ILE A 285 -5.64 30.52 12.64
CA ILE A 285 -5.87 31.88 13.13
C ILE A 285 -7.25 31.94 13.78
N SER A 286 -8.25 31.38 13.11
CA SER A 286 -9.59 31.29 13.70
C SER A 286 -9.61 30.38 14.92
N LYS A 287 -10.37 30.76 15.94
CA LYS A 287 -10.47 29.96 17.16
C LYS A 287 -11.47 28.83 17.01
N GLU A 288 -12.36 28.91 16.02
CA GLU A 288 -13.40 27.88 15.85
C GLU A 288 -13.37 27.12 14.52
N SER A 289 -12.71 27.68 13.52
CA SER A 289 -12.70 27.11 12.17
C SER A 289 -11.29 26.81 11.72
N ARG A 290 -11.16 25.86 10.80
CA ARG A 290 -9.86 25.53 10.23
C ARG A 290 -9.55 26.55 9.15
N SER A 291 -9.34 27.77 9.59
CA SER A 291 -9.15 28.92 8.73
C SER A 291 -7.89 29.63 9.19
N GLY A 292 -7.04 30.03 8.24
CA GLY A 292 -5.83 30.77 8.56
C GLY A 292 -4.77 29.90 9.21
N TYR A 293 -3.55 30.42 9.30
CA TYR A 293 -2.49 29.72 10.01
C TYR A 293 -1.39 30.69 10.40
N GLU A 294 -1.00 30.63 11.67
CA GLU A 294 0.02 31.53 12.21
C GLU A 294 1.01 30.71 13.03
N THR A 295 2.24 31.20 13.10
CA THR A 295 3.21 30.63 14.02
C THR A 295 3.75 31.73 14.91
N PHE A 296 4.27 31.36 16.08
CA PHE A 296 4.91 32.33 16.97
C PHE A 296 5.67 31.61 18.07
N LYS A 297 6.47 32.37 18.81
CA LYS A 297 7.17 31.82 19.96
C LYS A 297 6.47 32.29 21.22
N VAL A 298 6.27 31.39 22.16
CA VAL A 298 5.68 31.79 23.43
C VAL A 298 6.77 31.80 24.48
N ILE A 299 7.02 32.97 25.05
CA ILE A 299 8.05 33.13 26.07
C ILE A 299 7.57 32.40 27.31
N GLY A 300 8.34 31.41 27.77
CA GLY A 300 7.95 30.57 28.88
C GLY A 300 6.85 29.59 28.51
N GLY A 301 6.59 29.44 27.20
CA GLY A 301 5.53 28.56 26.75
C GLY A 301 5.74 27.08 27.03
N TRP A 302 6.98 26.69 27.27
CA TRP A 302 7.21 25.29 27.61
C TRP A 302 7.20 25.04 29.13
N SER A 303 7.77 25.96 29.89
CA SER A 303 8.00 25.73 31.32
C SER A 303 7.01 26.43 32.25
N THR A 304 6.41 27.53 31.79
CA THR A 304 5.56 28.35 32.64
C THR A 304 4.07 28.18 32.35
N PRO A 305 3.31 27.66 33.34
CA PRO A 305 1.88 27.45 33.16
C PRO A 305 1.17 28.72 32.76
N ASN A 306 0.35 28.63 31.72
CA ASN A 306 -0.54 29.72 31.31
C ASN A 306 0.19 30.95 30.74
N SER A 307 1.45 30.78 30.33
CA SER A 307 2.19 31.88 29.72
C SER A 307 1.53 32.36 28.43
N LYS A 308 1.46 33.68 28.25
CA LYS A 308 0.76 34.25 27.09
C LYS A 308 1.53 35.38 26.38
N SER A 309 2.80 35.55 26.71
CA SER A 309 3.62 36.54 26.02
C SER A 309 4.21 35.92 24.76
N GLN A 310 3.72 36.33 23.59
CA GLN A 310 4.28 35.83 22.35
C GLN A 310 5.22 36.81 21.68
N VAL A 311 6.05 36.29 20.78
CA VAL A 311 6.97 37.13 20.01
C VAL A 311 7.26 36.39 18.70
N ASN A 312 7.72 37.12 17.69
CA ASN A 312 8.13 36.51 16.42
C ASN A 312 6.99 35.82 15.69
N ARG A 313 5.82 36.43 15.71
CA ARG A 313 4.68 35.90 14.97
C ARG A 313 4.92 36.02 13.47
N GLN A 314 4.45 35.01 12.74
CA GLN A 314 4.40 35.03 11.28
C GLN A 314 3.07 34.49 10.82
N VAL A 315 2.43 35.20 9.89
CA VAL A 315 1.26 34.68 9.22
C VAL A 315 1.72 33.73 8.12
N ILE A 316 1.22 32.50 8.11
CA ILE A 316 1.55 31.56 7.03
C ILE A 316 0.43 31.57 6.00
N VAL A 317 -0.80 31.53 6.49
CA VAL A 317 -2.02 31.61 5.67
C VAL A 317 -2.94 32.63 6.32
N ASP A 318 -3.35 33.66 5.58
CA ASP A 318 -4.25 34.64 6.18
C ASP A 318 -5.61 34.07 6.52
N ASN A 319 -6.38 34.74 7.38
CA ASN A 319 -7.63 34.18 7.90
C ASN A 319 -8.81 34.24 6.93
N ASN A 320 -8.56 34.71 5.71
CA ASN A 320 -9.59 34.66 4.68
C ASN A 320 -9.49 33.39 3.86
N ASN A 321 -8.57 32.52 4.25
CA ASN A 321 -8.28 31.30 3.51
C ASN A 321 -8.28 30.05 4.38
N TRP A 322 -8.62 28.92 3.78
CA TRP A 322 -8.74 27.66 4.52
C TRP A 322 -7.40 27.01 4.82
N SER A 323 -7.27 26.47 6.02
CA SER A 323 -6.13 25.64 6.35
C SER A 323 -6.60 24.23 6.61
N GLY A 324 -6.13 23.62 7.70
CA GLY A 324 -6.42 22.22 7.96
C GLY A 324 -5.39 21.66 8.91
N TYR A 325 -5.05 20.38 8.76
CA TYR A 325 -4.05 19.75 9.59
C TYR A 325 -2.71 20.42 9.39
N SER A 326 -1.83 20.27 10.38
CA SER A 326 -0.46 20.73 10.26
C SER A 326 0.39 19.79 11.09
N GLY A 327 1.68 19.70 10.79
CA GLY A 327 2.52 18.80 11.56
C GLY A 327 3.98 19.13 11.38
N ILE A 328 4.81 18.51 12.22
CA ILE A 328 6.22 18.82 12.24
C ILE A 328 7.02 17.75 11.48
N PHE A 329 8.19 18.16 10.99
CA PHE A 329 9.20 17.20 10.55
C PHE A 329 10.57 17.78 10.86
N SER A 330 11.55 16.90 11.04
CA SER A 330 12.88 17.36 11.40
C SER A 330 13.90 17.02 10.32
N VAL A 331 14.85 17.94 10.12
CA VAL A 331 15.83 17.83 9.07
C VAL A 331 17.23 18.06 9.65
N GLU A 332 18.11 17.09 9.44
CA GLU A 332 19.46 17.16 9.99
C GLU A 332 20.38 18.06 9.17
N GLY A 333 20.91 19.10 9.80
CA GLY A 333 21.91 19.94 9.15
C GLY A 333 23.30 19.51 9.54
N LYS A 334 24.31 20.29 9.15
CA LYS A 334 25.69 19.96 9.45
C LYS A 334 25.98 19.91 10.95
N SER A 335 25.41 20.85 11.70
CA SER A 335 25.71 21.01 13.11
C SER A 335 24.51 20.87 14.05
N CYS A 336 23.31 21.00 13.51
CA CYS A 336 22.10 21.03 14.33
C CYS A 336 20.92 20.38 13.64
N ILE A 337 19.89 20.04 14.42
CA ILE A 337 18.67 19.47 13.87
C ILE A 337 17.65 20.61 13.73
N ASN A 338 17.13 20.77 12.52
CA ASN A 338 16.20 21.85 12.25
C ASN A 338 14.78 21.32 12.35
N ARG A 339 13.83 22.21 12.69
CA ARG A 339 12.43 21.82 12.74
C ARG A 339 11.68 22.52 11.62
N CYS A 340 10.88 21.75 10.88
CA CYS A 340 10.04 22.34 9.84
C CYS A 340 8.59 21.96 10.07
N PHE A 341 7.70 22.58 9.32
CA PHE A 341 6.28 22.19 9.40
C PHE A 341 5.59 22.32 8.07
N TYR A 342 4.50 21.56 7.90
CA TYR A 342 3.65 21.68 6.72
C TYR A 342 2.27 22.11 7.19
N VAL A 343 1.51 22.72 6.29
CA VAL A 343 0.12 23.05 6.58
C VAL A 343 -0.72 22.49 5.45
N GLU A 344 -1.73 21.72 5.82
CA GLU A 344 -2.70 21.20 4.86
C GLU A 344 -3.70 22.30 4.52
N LEU A 345 -3.95 22.51 3.24
CA LEU A 345 -4.88 23.55 2.80
C LEU A 345 -6.10 22.91 2.16
N ILE A 346 -7.17 22.78 2.95
CA ILE A 346 -8.30 21.95 2.55
C ILE A 346 -9.27 22.77 1.69
N ARG A 347 -9.63 22.25 0.52
CA ARG A 347 -10.63 22.89 -0.32
C ARG A 347 -11.82 21.97 -0.58
N GLY A 348 -12.96 22.56 -0.88
CA GLY A 348 -14.15 21.78 -1.17
C GLY A 348 -15.05 21.61 0.04
N ARG A 349 -15.76 20.49 0.11
CA ARG A 349 -16.74 20.27 1.17
C ARG A 349 -16.05 19.93 2.48
N PRO A 350 -16.69 20.27 3.62
CA PRO A 350 -18.03 20.87 3.73
C PRO A 350 -18.09 22.39 3.58
N GLN A 351 -16.96 23.09 3.62
CA GLN A 351 -16.99 24.55 3.63
C GLN A 351 -17.40 25.19 2.29
N GLU A 352 -17.01 24.55 1.20
CA GLU A 352 -17.26 25.09 -0.13
C GLU A 352 -18.14 24.14 -0.93
N THR A 353 -19.43 24.43 -0.99
CA THR A 353 -20.41 23.49 -1.54
C THR A 353 -20.68 23.59 -3.03
N ARG A 354 -19.98 24.48 -3.73
CA ARG A 354 -20.10 24.52 -5.18
C ARG A 354 -19.59 23.20 -5.76
N VAL A 355 -18.57 22.63 -5.11
CA VAL A 355 -18.01 21.35 -5.57
C VAL A 355 -18.46 20.21 -4.66
N TRP A 356 -18.36 18.99 -5.16
CA TRP A 356 -18.79 17.83 -4.40
C TRP A 356 -17.63 17.07 -3.75
N TRP A 357 -16.41 17.45 -4.11
CA TRP A 357 -15.22 16.79 -3.59
C TRP A 357 -14.63 17.51 -2.38
N THR A 358 -13.69 16.83 -1.72
CA THR A 358 -12.88 17.42 -0.67
C THR A 358 -11.44 17.04 -0.97
N SER A 359 -10.54 18.02 -1.04
CA SER A 359 -9.13 17.73 -1.30
C SER A 359 -8.25 18.75 -0.60
N ASN A 360 -6.94 18.73 -0.86
CA ASN A 360 -6.04 19.71 -0.25
C ASN A 360 -4.80 19.99 -1.09
N SER A 361 -4.19 21.15 -0.86
CA SER A 361 -2.79 21.37 -1.29
C SER A 361 -1.98 21.55 -0.01
N ILE A 362 -0.69 21.82 -0.15
CA ILE A 362 0.17 22.06 1.02
C ILE A 362 1.08 23.27 0.88
N VAL A 363 1.49 23.82 2.01
CA VAL A 363 2.57 24.78 2.03
C VAL A 363 3.50 24.33 3.15
N VAL A 364 4.81 24.55 3.00
CA VAL A 364 5.80 23.99 3.90
C VAL A 364 6.84 25.04 4.23
N PHE A 365 7.15 25.20 5.52
CA PHE A 365 8.16 26.16 6.00
C PHE A 365 9.22 25.44 6.82
N CYS A 366 10.44 25.98 6.88
CA CYS A 366 11.48 25.41 7.74
C CYS A 366 12.07 26.46 8.65
N GLY A 367 12.52 26.00 9.82
CA GLY A 367 13.17 26.90 10.78
C GLY A 367 14.35 27.61 10.12
N THR A 368 14.56 28.86 10.50
CA THR A 368 15.72 29.59 10.03
C THR A 368 16.38 30.33 11.18
N SER A 369 17.70 30.47 11.12
CA SER A 369 18.42 31.32 12.06
C SER A 369 18.67 32.67 11.42
N GLY A 370 18.22 32.85 10.19
CA GLY A 370 18.42 34.11 9.50
C GLY A 370 17.27 35.07 9.70
N THR A 371 16.98 35.90 8.70
CA THR A 371 15.86 36.81 8.80
C THR A 371 14.86 36.56 7.68
N TYR A 372 13.73 37.26 7.76
CA TYR A 372 12.61 37.02 6.86
C TYR A 372 11.63 38.17 6.92
N GLY A 373 10.66 38.15 6.02
CA GLY A 373 9.67 39.20 5.90
C GLY A 373 8.28 38.71 6.25
N THR A 374 7.30 39.12 5.44
CA THR A 374 5.91 38.70 5.64
C THR A 374 5.28 38.22 4.34
N GLY A 375 4.17 37.51 4.47
CA GLY A 375 3.39 37.11 3.30
C GLY A 375 2.20 36.27 3.71
N SER A 376 1.55 35.68 2.71
CA SER A 376 0.46 34.73 2.93
C SER A 376 0.50 33.78 1.76
N TRP A 377 0.49 32.49 2.03
CA TRP A 377 0.61 31.49 0.95
C TRP A 377 -0.53 30.48 1.05
N PRO A 378 -1.74 30.90 0.66
CA PRO A 378 -2.91 30.02 0.76
C PRO A 378 -2.98 29.06 -0.43
N ASP A 379 -4.01 28.25 -0.49
CA ASP A 379 -4.14 27.27 -1.57
C ASP A 379 -4.15 27.96 -2.92
N GLY A 380 -4.98 28.99 -3.04
CA GLY A 380 -4.94 29.83 -4.23
C GLY A 380 -5.87 29.46 -5.37
N ALA A 381 -6.58 28.34 -5.25
CA ALA A 381 -7.54 27.97 -6.28
C ALA A 381 -8.79 28.86 -6.20
N ASN A 382 -9.38 29.15 -7.36
CA ASN A 382 -10.66 29.83 -7.42
C ASN A 382 -11.73 28.75 -7.47
N ILE A 383 -12.55 28.67 -6.41
CA ILE A 383 -13.55 27.61 -6.32
C ILE A 383 -14.51 27.63 -7.51
N ASN A 384 -14.70 28.80 -8.10
CA ASN A 384 -15.57 28.93 -9.26
C ASN A 384 -14.96 28.41 -10.55
N PHE A 385 -13.65 28.18 -10.53
CA PHE A 385 -12.95 27.69 -11.71
C PHE A 385 -12.85 26.16 -11.72
N MET A 386 -13.25 25.52 -10.63
CA MET A 386 -12.99 24.09 -10.48
C MET A 386 -14.07 23.21 -11.11
N PRO A 387 -13.66 22.03 -11.58
CA PRO A 387 -14.66 21.01 -11.89
C PRO A 387 -15.37 20.68 -10.60
N ILE A 388 -16.68 20.48 -10.63
CA ILE A 388 -17.44 20.23 -9.43
C ILE A 388 -17.43 18.74 -9.06
N VAL B 1 26.76 -8.17 -7.35
CA VAL B 1 25.55 -8.78 -6.83
C VAL B 1 25.47 -10.27 -7.15
N GLU B 2 24.88 -11.03 -6.22
CA GLU B 2 24.83 -12.48 -6.32
C GLU B 2 23.48 -13.02 -6.77
N TYR B 3 23.50 -14.24 -7.32
CA TYR B 3 22.27 -14.93 -7.66
C TYR B 3 21.46 -15.26 -6.41
N ARG B 4 20.14 -15.11 -6.49
CA ARG B 4 19.23 -15.59 -5.46
C ARG B 4 19.24 -17.11 -5.35
N ASN B 5 19.18 -17.62 -4.12
CA ASN B 5 19.05 -19.06 -3.88
C ASN B 5 17.75 -19.41 -3.16
N TRP B 6 17.12 -18.40 -2.56
CA TRP B 6 15.91 -18.59 -1.76
C TRP B 6 16.12 -19.66 -0.68
N SER B 7 17.35 -19.76 -0.19
CA SER B 7 17.71 -20.82 0.77
C SER B 7 17.44 -20.36 2.19
N LYS B 8 16.20 -19.97 2.45
CA LYS B 8 15.75 -19.67 3.80
C LYS B 8 14.46 -20.44 4.04
N PRO B 9 14.12 -20.66 5.32
CA PRO B 9 12.85 -21.33 5.62
C PRO B 9 11.67 -20.45 5.21
N GLN B 10 10.52 -21.05 4.94
CA GLN B 10 9.31 -20.28 4.67
C GLN B 10 8.85 -19.56 5.94
N CYS B 11 8.43 -18.31 5.82
CA CYS B 11 7.95 -17.57 6.98
C CYS B 11 6.72 -18.27 7.58
N GLN B 12 6.68 -18.38 8.89
CA GLN B 12 5.50 -18.96 9.51
C GLN B 12 4.46 -17.86 9.61
N ILE B 13 3.31 -18.04 8.96
CA ILE B 13 2.30 -16.99 8.98
C ILE B 13 1.01 -17.35 9.70
N THR B 14 0.19 -16.34 9.95
CA THR B 14 -1.07 -16.48 10.67
C THR B 14 -2.19 -16.00 9.77
N GLY B 15 -1.83 -15.60 8.55
CA GLY B 15 -2.75 -15.02 7.62
C GLY B 15 -2.04 -13.97 6.80
N PHE B 16 -2.79 -13.04 6.21
CA PHE B 16 -2.20 -12.05 5.31
C PHE B 16 -2.57 -10.61 5.69
N ALA B 17 -1.69 -9.66 5.39
CA ALA B 17 -1.95 -8.25 5.68
C ALA B 17 -1.95 -7.45 4.39
N PRO B 18 -2.74 -6.36 4.34
CA PRO B 18 -2.80 -5.51 3.15
C PRO B 18 -1.42 -4.98 2.75
N PHE B 19 -1.13 -4.99 1.47
CA PHE B 19 0.19 -4.58 0.97
C PHE B 19 0.12 -3.49 -0.10
N SER B 20 -0.75 -3.66 -1.08
CA SER B 20 -0.85 -2.67 -2.16
C SER B 20 -2.19 -2.70 -2.86
N LYS B 21 -2.55 -1.59 -3.50
CA LYS B 21 -3.78 -1.50 -4.29
C LYS B 21 -3.56 -0.38 -5.31
N ASP B 22 -3.98 -0.57 -6.56
CA ASP B 22 -3.64 0.47 -7.54
C ASP B 22 -4.78 1.35 -8.05
N ASN B 23 -6.02 0.92 -7.81
CA ASN B 23 -7.19 1.76 -8.10
C ASN B 23 -7.26 2.14 -9.57
N SER B 24 -6.74 1.26 -10.42
CA SER B 24 -6.60 1.55 -11.84
C SER B 24 -7.89 2.02 -12.54
N ILE B 25 -9.00 1.36 -12.25
CA ILE B 25 -10.23 1.68 -12.96
C ILE B 25 -10.88 2.99 -12.49
N ARG B 26 -10.86 3.23 -11.18
CA ARG B 26 -11.32 4.52 -10.65
C ARG B 26 -10.55 5.66 -11.32
N LEU B 27 -9.24 5.49 -11.44
CA LEU B 27 -8.38 6.52 -12.00
C LEU B 27 -8.66 6.71 -13.50
N SER B 28 -9.02 5.62 -14.17
CA SER B 28 -9.26 5.64 -15.62
C SER B 28 -10.39 6.58 -16.00
N ALA B 29 -11.26 6.90 -15.04
CA ALA B 29 -12.39 7.77 -15.31
C ALA B 29 -12.00 9.24 -15.25
N GLY B 30 -10.73 9.52 -14.93
CA GLY B 30 -10.22 10.88 -14.86
C GLY B 30 -8.73 10.92 -15.04
N GLY B 31 -8.27 10.37 -16.17
CA GLY B 31 -6.86 10.21 -16.43
C GLY B 31 -6.63 9.16 -17.50
N ASP B 32 -5.47 9.20 -18.13
CA ASP B 32 -5.16 8.28 -19.21
C ASP B 32 -4.41 7.09 -18.64
N ILE B 33 -5.09 5.96 -18.57
CA ILE B 33 -4.60 4.75 -17.91
C ILE B 33 -4.76 3.57 -18.86
N TRP B 34 -3.75 2.72 -18.91
CA TRP B 34 -3.76 1.55 -19.80
C TRP B 34 -4.92 0.59 -19.50
N VAL B 35 -5.48 0.03 -20.57
CA VAL B 35 -6.34 -1.12 -20.46
C VAL B 35 -5.44 -2.34 -20.34
N THR B 36 -5.70 -3.16 -19.31
CA THR B 36 -4.89 -4.33 -19.04
C THR B 36 -5.74 -5.55 -18.67
N ARG B 37 -5.06 -6.69 -18.57
CA ARG B 37 -5.57 -7.89 -17.88
C ARG B 37 -4.38 -8.80 -17.59
N GLU B 38 -4.64 -9.90 -16.89
CA GLU B 38 -3.59 -10.83 -16.52
C GLU B 38 -2.41 -10.15 -15.80
N PRO B 39 -2.68 -9.43 -14.71
CA PRO B 39 -1.57 -8.77 -14.01
C PRO B 39 -0.82 -9.74 -13.11
N TYR B 40 0.35 -9.32 -12.63
CA TYR B 40 1.04 -10.05 -11.58
C TYR B 40 2.07 -9.18 -10.89
N VAL B 41 2.72 -9.72 -9.86
CA VAL B 41 3.70 -8.96 -9.10
C VAL B 41 4.96 -9.81 -8.99
N SER B 42 6.11 -9.15 -9.09
CA SER B 42 7.39 -9.81 -8.87
C SER B 42 8.36 -8.77 -8.35
N CYS B 43 9.30 -9.20 -7.51
CA CYS B 43 10.18 -8.26 -6.86
C CYS B 43 11.65 -8.57 -7.15
N ASP B 44 12.45 -7.53 -7.36
CA ASP B 44 13.90 -7.68 -7.35
C ASP B 44 14.33 -7.72 -5.87
N PRO B 45 15.62 -7.92 -5.57
CA PRO B 45 15.94 -8.04 -4.14
C PRO B 45 15.63 -6.79 -3.31
N GLY B 46 15.46 -5.65 -3.96
CA GLY B 46 15.17 -4.41 -3.25
C GLY B 46 13.71 -3.99 -3.23
N LYS B 47 13.01 -4.11 -4.35
CA LYS B 47 11.62 -3.66 -4.39
C LYS B 47 10.74 -4.42 -5.36
N CYS B 48 9.43 -4.22 -5.23
CA CYS B 48 8.44 -4.97 -6.00
C CYS B 48 7.91 -4.19 -7.20
N TYR B 49 7.52 -4.93 -8.23
CA TYR B 49 6.97 -4.35 -9.45
C TYR B 49 5.61 -4.96 -9.77
N GLN B 50 4.71 -4.16 -10.34
CA GLN B 50 3.50 -4.72 -10.91
C GLN B 50 3.61 -4.83 -12.42
N PHE B 51 3.12 -5.95 -12.93
CA PHE B 51 3.16 -6.27 -14.34
C PHE B 51 1.73 -6.50 -14.80
N ALA B 52 1.46 -6.26 -16.08
CA ALA B 52 0.20 -6.69 -16.68
C ALA B 52 0.33 -6.71 -18.19
N LEU B 53 -0.61 -7.38 -18.86
CA LEU B 53 -0.65 -7.34 -20.31
C LEU B 53 -1.55 -6.19 -20.77
N GLY B 54 -0.94 -5.19 -21.40
CA GLY B 54 -1.70 -4.09 -21.97
C GLY B 54 -2.52 -4.55 -23.15
N GLN B 55 -3.50 -3.73 -23.55
CA GLN B 55 -4.27 -4.01 -24.76
C GLN B 55 -3.95 -2.98 -25.84
N GLY B 56 -2.77 -2.37 -25.74
CA GLY B 56 -2.34 -1.39 -26.73
C GLY B 56 -3.20 -0.14 -26.75
N THR B 57 -3.82 0.18 -25.63
CA THR B 57 -4.70 1.35 -25.59
C THR B 57 -4.94 1.79 -24.16
N THR B 58 -5.39 3.02 -23.99
CA THR B 58 -5.87 3.48 -22.70
C THR B 58 -7.37 3.21 -22.63
N LEU B 59 -7.97 3.43 -21.46
CA LEU B 59 -9.39 3.10 -21.27
C LEU B 59 -10.33 4.11 -21.90
N ASP B 60 -10.09 5.39 -21.63
CA ASP B 60 -10.87 6.47 -22.19
C ASP B 60 -10.29 6.75 -23.58
N ASN B 61 -10.71 5.93 -24.54
CA ASN B 61 -10.07 5.83 -25.85
C ASN B 61 -10.95 4.87 -26.65
N LYS B 62 -11.31 5.24 -27.88
CA LYS B 62 -12.18 4.37 -28.68
C LYS B 62 -11.58 2.98 -28.95
N HIS B 63 -10.26 2.87 -28.85
CA HIS B 63 -9.61 1.57 -29.04
C HIS B 63 -9.86 0.61 -27.89
N SER B 64 -10.45 1.10 -26.80
CA SER B 64 -10.74 0.21 -25.69
C SER B 64 -11.91 -0.70 -26.01
N ASN B 65 -12.66 -0.36 -27.06
CA ASN B 65 -13.84 -1.13 -27.44
C ASN B 65 -13.47 -2.58 -27.74
N ASP B 66 -14.21 -3.52 -27.15
CA ASP B 66 -14.01 -4.96 -27.37
C ASP B 66 -12.63 -5.48 -26.99
N THR B 67 -12.11 -4.99 -25.88
CA THR B 67 -10.84 -5.48 -25.33
C THR B 67 -11.01 -6.74 -24.47
N VAL B 68 -12.16 -7.39 -24.58
CA VAL B 68 -12.36 -8.66 -23.90
C VAL B 68 -11.47 -9.75 -24.50
N HIS B 69 -11.12 -9.60 -25.78
CA HIS B 69 -10.32 -10.62 -26.46
C HIS B 69 -8.93 -10.78 -25.85
N ASP B 70 -8.47 -12.02 -25.71
CA ASP B 70 -7.23 -12.34 -25.01
C ASP B 70 -5.98 -12.07 -25.84
N ARG B 71 -6.10 -12.18 -27.16
CA ARG B 71 -4.90 -12.15 -28.00
C ARG B 71 -4.99 -11.22 -29.20
N ILE B 72 -4.23 -10.13 -29.15
CA ILE B 72 -4.05 -9.25 -30.30
C ILE B 72 -2.57 -8.88 -30.39
N PRO B 73 -2.09 -8.46 -31.58
CA PRO B 73 -0.66 -8.18 -31.74
C PRO B 73 -0.19 -6.99 -30.93
N HIS B 74 -1.13 -6.21 -30.43
CA HIS B 74 -0.80 -4.95 -29.76
C HIS B 74 -0.62 -5.10 -28.26
N ARG B 75 -0.89 -6.29 -27.74
CA ARG B 75 -0.63 -6.55 -26.33
C ARG B 75 0.87 -6.54 -26.06
N THR B 76 1.26 -5.81 -25.02
CA THR B 76 2.64 -5.72 -24.59
C THR B 76 2.69 -5.88 -23.07
N LEU B 77 3.79 -6.39 -22.56
CA LEU B 77 3.98 -6.52 -21.12
C LEU B 77 4.36 -5.18 -20.51
N LEU B 78 3.55 -4.71 -19.56
CA LEU B 78 3.83 -3.45 -18.86
C LEU B 78 4.49 -3.74 -17.52
N MET B 79 5.39 -2.85 -17.09
CA MET B 79 6.11 -3.01 -15.82
C MET B 79 6.30 -1.67 -15.12
N ASN B 80 5.68 -1.52 -13.94
CA ASN B 80 5.89 -0.36 -13.08
C ASN B 80 6.29 -0.81 -11.68
N GLU B 81 6.84 0.11 -10.89
CA GLU B 81 6.94 -0.14 -9.46
C GLU B 81 5.57 -0.42 -8.90
N LEU B 82 5.49 -1.36 -7.96
CA LEU B 82 4.23 -1.74 -7.36
C LEU B 82 3.54 -0.52 -6.75
N GLY B 83 2.29 -0.27 -7.14
CA GLY B 83 1.54 0.88 -6.65
C GLY B 83 1.53 2.07 -7.60
N VAL B 84 2.38 2.03 -8.63
CA VAL B 84 2.32 3.05 -9.67
C VAL B 84 1.36 2.57 -10.73
N PRO B 85 0.21 3.24 -10.87
CA PRO B 85 -0.76 2.76 -11.87
C PRO B 85 -0.22 2.85 -13.28
N PHE B 86 -0.81 2.12 -14.22
CA PHE B 86 -0.28 2.09 -15.58
C PHE B 86 -0.67 3.34 -16.37
N HIS B 87 0.10 4.41 -16.13
CA HIS B 87 -0.09 5.69 -16.81
C HIS B 87 0.74 5.69 -18.09
N LEU B 88 0.71 6.80 -18.84
CA LEU B 88 1.34 6.80 -20.17
C LEU B 88 2.87 6.75 -20.18
N GLY B 89 3.49 6.95 -19.02
CA GLY B 89 4.93 6.82 -18.90
C GLY B 89 5.39 5.40 -18.60
N THR B 90 4.44 4.47 -18.56
CA THR B 90 4.74 3.07 -18.30
C THR B 90 5.57 2.43 -19.43
N ARG B 91 6.60 1.69 -19.06
CA ARG B 91 7.40 0.97 -20.04
C ARG B 91 6.75 -0.32 -20.51
N GLN B 92 6.65 -0.48 -21.83
CA GLN B 92 6.23 -1.73 -22.43
C GLN B 92 7.49 -2.55 -22.65
N VAL B 93 7.66 -3.59 -21.85
CA VAL B 93 8.89 -4.38 -21.74
C VAL B 93 9.12 -5.30 -22.94
N CYS B 94 8.04 -5.80 -23.53
CA CYS B 94 8.11 -6.70 -24.68
C CYS B 94 6.72 -6.85 -25.26
N ILE B 95 6.63 -7.50 -26.42
CA ILE B 95 5.36 -7.76 -27.06
C ILE B 95 4.88 -9.09 -26.49
N ALA B 96 3.64 -9.13 -25.99
CA ALA B 96 3.18 -10.33 -25.27
C ALA B 96 1.67 -10.37 -25.06
N TRP B 97 1.04 -11.49 -25.45
CA TRP B 97 -0.31 -11.80 -24.99
C TRP B 97 -0.36 -12.91 -23.95
N SER B 98 0.83 -13.36 -23.55
CA SER B 98 1.02 -14.26 -22.41
C SER B 98 2.43 -14.01 -21.92
N SER B 99 2.65 -14.01 -20.60
CA SER B 99 3.98 -13.69 -20.12
C SER B 99 4.33 -14.30 -18.77
N SER B 100 5.62 -14.24 -18.44
CA SER B 100 6.09 -14.50 -17.09
C SER B 100 7.38 -13.70 -16.92
N SER B 101 7.64 -13.19 -15.72
CA SER B 101 8.87 -12.46 -15.45
C SER B 101 9.44 -12.83 -14.10
N CYS B 102 10.76 -12.73 -13.97
CA CYS B 102 11.41 -13.00 -12.69
C CYS B 102 12.83 -12.44 -12.68
N HIS B 103 13.34 -12.18 -11.48
CA HIS B 103 14.66 -11.59 -11.31
C HIS B 103 15.54 -12.63 -10.64
N ASP B 104 16.74 -12.86 -11.17
CA ASP B 104 17.58 -13.94 -10.65
C ASP B 104 18.57 -13.48 -9.57
N GLY B 105 18.44 -12.23 -9.15
CA GLY B 105 19.36 -11.64 -8.20
C GLY B 105 20.30 -10.65 -8.88
N LYS B 106 20.44 -10.79 -10.19
CA LYS B 106 21.35 -9.96 -10.97
C LYS B 106 20.57 -9.14 -12.00
N ALA B 107 19.62 -9.79 -12.67
CA ALA B 107 18.86 -9.12 -13.72
C ALA B 107 17.48 -9.73 -13.94
N TRP B 108 16.63 -8.99 -14.63
CA TRP B 108 15.29 -9.45 -14.99
C TRP B 108 15.28 -10.36 -16.20
N LEU B 109 14.51 -11.44 -16.09
CA LEU B 109 14.15 -12.29 -17.23
C LEU B 109 12.69 -12.03 -17.56
N HIS B 110 12.39 -11.87 -18.84
CA HIS B 110 11.00 -11.78 -19.27
C HIS B 110 10.74 -12.83 -20.33
N VAL B 111 9.63 -13.56 -20.19
CA VAL B 111 9.19 -14.54 -21.16
C VAL B 111 7.94 -13.98 -21.82
N CYS B 112 8.04 -13.67 -23.11
CA CYS B 112 6.97 -12.98 -23.81
C CYS B 112 6.51 -13.73 -25.04
N ILE B 113 5.21 -14.02 -25.09
CA ILE B 113 4.66 -14.82 -26.18
C ILE B 113 3.68 -13.98 -26.99
N THR B 114 3.84 -13.98 -28.32
CA THR B 114 2.95 -13.23 -29.18
C THR B 114 2.89 -13.91 -30.54
N GLY B 115 2.04 -13.39 -31.43
CA GLY B 115 1.92 -13.93 -32.77
C GLY B 115 0.66 -14.75 -33.01
N ASP B 116 0.66 -15.50 -34.11
CA ASP B 116 -0.50 -16.31 -34.51
C ASP B 116 -0.81 -17.40 -33.51
N ASP B 117 -2.11 -17.66 -33.30
CA ASP B 117 -2.56 -18.72 -32.39
C ASP B 117 -1.87 -20.06 -32.69
N LYS B 118 -1.80 -20.41 -33.97
CA LYS B 118 -1.28 -21.72 -34.39
C LYS B 118 0.24 -21.75 -34.59
N ASN B 119 0.91 -20.62 -34.37
CA ASN B 119 2.34 -20.56 -34.65
C ASN B 119 2.95 -19.40 -33.88
N ALA B 120 2.80 -19.41 -32.56
CA ALA B 120 3.26 -18.30 -31.73
C ALA B 120 4.77 -18.34 -31.52
N THR B 121 5.32 -17.24 -31.02
CA THR B 121 6.74 -17.17 -30.69
C THR B 121 6.90 -16.74 -29.24
N ALA B 122 7.74 -17.45 -28.48
CA ALA B 122 8.12 -17.01 -27.14
C ALA B 122 9.51 -16.38 -27.21
N SER B 123 9.61 -15.13 -26.78
CA SER B 123 10.91 -14.44 -26.72
C SER B 123 11.42 -14.47 -25.29
N PHE B 124 12.73 -14.67 -25.14
CA PHE B 124 13.35 -14.66 -23.83
C PHE B 124 14.32 -13.49 -23.73
N ILE B 125 13.97 -12.54 -22.88
CA ILE B 125 14.73 -11.30 -22.74
C ILE B 125 15.34 -11.23 -21.35
N TYR B 126 16.66 -11.08 -21.29
CA TYR B 126 17.37 -11.07 -20.01
C TYR B 126 18.32 -9.89 -19.96
N ASP B 127 18.25 -9.13 -18.87
CA ASP B 127 19.13 -7.97 -18.68
C ASP B 127 19.04 -7.05 -19.89
N GLY B 128 17.82 -6.87 -20.40
CA GLY B 128 17.57 -5.87 -21.42
C GLY B 128 17.88 -6.28 -22.85
N ARG B 129 18.16 -7.56 -23.08
CA ARG B 129 18.42 -7.99 -24.44
C ARG B 129 17.79 -9.34 -24.73
N LEU B 130 17.43 -9.53 -25.99
CA LEU B 130 16.87 -10.80 -26.43
C LEU B 130 17.97 -11.84 -26.51
N VAL B 131 17.80 -12.92 -25.75
CA VAL B 131 18.81 -13.96 -25.70
C VAL B 131 18.39 -15.26 -26.42
N ASP B 132 17.10 -15.54 -26.41
CA ASP B 132 16.61 -16.80 -27.00
C ASP B 132 15.17 -16.65 -27.45
N SER B 133 14.71 -17.62 -28.22
CA SER B 133 13.30 -17.71 -28.59
C SER B 133 12.94 -19.14 -28.90
N ILE B 134 11.65 -19.46 -28.82
CA ILE B 134 11.19 -20.79 -29.20
C ILE B 134 9.83 -20.65 -29.85
N GLY B 135 9.58 -21.45 -30.87
CA GLY B 135 8.28 -21.48 -31.52
C GLY B 135 7.36 -22.52 -30.92
N SER B 136 6.09 -22.41 -31.29
CA SER B 136 5.03 -23.30 -30.82
C SER B 136 5.35 -24.76 -31.15
N TRP B 137 5.13 -25.67 -30.19
CA TRP B 137 5.39 -27.08 -30.42
C TRP B 137 4.14 -27.94 -30.71
N SER B 138 2.96 -27.39 -30.43
CA SER B 138 1.70 -28.09 -30.69
C SER B 138 0.74 -27.28 -31.53
N GLN B 139 1.19 -26.10 -31.96
CA GLN B 139 0.42 -25.30 -32.90
C GLN B 139 -0.97 -24.91 -32.39
N ASN B 140 -1.04 -24.63 -31.09
CA ASN B 140 -2.33 -24.33 -30.49
C ASN B 140 -2.18 -23.47 -29.24
N ILE B 141 -1.89 -22.19 -29.47
CA ILE B 141 -1.75 -21.17 -28.41
C ILE B 141 -0.71 -21.54 -27.36
N LEU B 142 0.56 -21.52 -27.77
CA LEU B 142 1.66 -21.56 -26.81
C LEU B 142 1.43 -20.49 -25.74
N ARG B 143 1.59 -20.85 -24.47
CA ARG B 143 1.17 -19.96 -23.39
C ARG B 143 1.86 -20.26 -22.07
N THR B 144 1.88 -19.30 -21.16
CA THR B 144 2.66 -19.49 -19.95
C THR B 144 1.97 -18.96 -18.68
N GLN B 145 2.75 -18.66 -17.64
CA GLN B 145 2.22 -18.56 -16.29
C GLN B 145 1.24 -17.41 -15.98
N GLU B 146 1.51 -16.23 -16.57
CA GLU B 146 0.86 -14.97 -16.13
C GLU B 146 1.15 -14.64 -14.68
N SER B 147 2.29 -15.14 -14.18
CA SER B 147 2.82 -14.70 -12.89
C SER B 147 4.31 -14.97 -12.88
N GLU B 148 4.94 -14.74 -11.74
CA GLU B 148 6.40 -14.73 -11.69
C GLU B 148 6.99 -16.12 -11.90
N CYS B 149 8.07 -16.16 -12.68
CA CYS B 149 8.89 -17.37 -12.73
C CYS B 149 9.79 -17.36 -11.51
N VAL B 150 10.63 -18.39 -11.36
CA VAL B 150 11.43 -18.55 -10.15
C VAL B 150 12.84 -18.95 -10.52
N CYS B 151 13.83 -18.29 -9.91
CA CYS B 151 15.24 -18.56 -10.20
C CYS B 151 15.99 -19.01 -8.96
N ILE B 152 16.79 -20.06 -9.11
CA ILE B 152 17.71 -20.49 -8.05
C ILE B 152 19.13 -20.65 -8.59
N ASN B 153 20.08 -19.96 -7.96
CA ASN B 153 21.49 -20.00 -8.37
C ASN B 153 21.71 -19.76 -9.87
N GLY B 154 20.94 -18.85 -10.46
CA GLY B 154 21.18 -18.45 -11.84
C GLY B 154 20.41 -19.24 -12.88
N THR B 155 19.64 -20.23 -12.45
CA THR B 155 18.76 -20.94 -13.34
C THR B 155 17.33 -20.59 -13.03
N CYS B 156 16.60 -20.09 -14.03
CA CYS B 156 15.20 -19.75 -13.86
C CYS B 156 14.35 -20.82 -14.51
N THR B 157 13.21 -21.13 -13.89
CA THR B 157 12.32 -22.10 -14.49
C THR B 157 10.97 -21.47 -14.79
N VAL B 158 10.34 -21.91 -15.87
CA VAL B 158 9.01 -21.44 -16.21
C VAL B 158 8.21 -22.58 -16.85
N VAL B 159 6.90 -22.61 -16.61
CA VAL B 159 6.05 -23.67 -17.11
C VAL B 159 5.26 -23.12 -18.27
N MET B 160 5.25 -23.85 -19.39
CA MET B 160 4.52 -23.43 -20.58
C MET B 160 3.68 -24.58 -21.12
N THR B 161 2.55 -24.25 -21.74
CA THR B 161 1.67 -25.25 -22.32
C THR B 161 1.35 -24.88 -23.76
N ASP B 162 1.18 -25.89 -24.60
CA ASP B 162 0.75 -25.67 -25.98
C ASP B 162 -0.18 -26.82 -26.29
N GLY B 163 -1.34 -26.54 -26.88
CA GLY B 163 -2.32 -27.58 -27.13
C GLY B 163 -3.72 -27.25 -26.64
N SER B 164 -4.58 -28.25 -26.61
CA SER B 164 -5.99 -28.07 -26.28
C SER B 164 -6.24 -27.40 -24.92
N ALA B 165 -7.28 -26.56 -24.88
CA ALA B 165 -7.72 -25.95 -23.62
C ALA B 165 -8.77 -26.81 -22.93
N SER B 166 -9.15 -27.91 -23.59
CA SER B 166 -10.26 -28.74 -23.12
C SER B 166 -9.99 -30.23 -23.31
N GLY B 167 -8.72 -30.62 -23.19
CA GLY B 167 -8.32 -31.99 -23.43
C GLY B 167 -6.82 -32.06 -23.21
N ARG B 168 -6.23 -33.24 -23.41
CA ARG B 168 -4.79 -33.38 -23.19
C ARG B 168 -3.99 -32.38 -24.02
N ALA B 169 -2.99 -31.79 -23.39
CA ALA B 169 -2.15 -30.78 -24.03
C ALA B 169 -0.69 -31.11 -23.77
N ASP B 170 0.21 -30.27 -24.28
CA ASP B 170 1.63 -30.55 -24.19
C ASP B 170 2.30 -29.51 -23.29
N THR B 171 2.56 -29.89 -22.05
CA THR B 171 3.15 -28.96 -21.08
C THR B 171 4.63 -29.27 -20.91
N ARG B 172 5.46 -28.22 -20.93
CA ARG B 172 6.90 -28.36 -20.76
C ARG B 172 7.45 -27.39 -19.75
N ILE B 173 8.55 -27.77 -19.13
CA ILE B 173 9.17 -26.95 -18.11
C ILE B 173 10.56 -26.56 -18.59
N LEU B 174 10.78 -25.26 -18.73
CA LEU B 174 12.03 -24.76 -19.30
C LEU B 174 12.98 -24.31 -18.20
N PHE B 175 14.27 -24.53 -18.42
CA PHE B 175 15.29 -24.05 -17.50
C PHE B 175 16.16 -23.09 -18.28
N ILE B 176 16.28 -21.87 -17.75
CA ILE B 176 16.86 -20.76 -18.49
C ILE B 176 17.97 -20.10 -17.70
N GLU B 177 19.15 -19.99 -18.31
CA GLU B 177 20.28 -19.35 -17.64
C GLU B 177 20.69 -18.09 -18.38
N GLU B 178 20.56 -16.95 -17.71
CA GLU B 178 20.83 -15.66 -18.32
C GLU B 178 20.11 -15.48 -19.66
N GLY B 179 18.86 -15.94 -19.73
CA GLY B 179 18.05 -15.76 -20.92
C GLY B 179 18.18 -16.89 -21.93
N LYS B 180 19.13 -17.78 -21.69
CA LYS B 180 19.40 -18.91 -22.59
C LYS B 180 18.74 -20.20 -22.11
N ILE B 181 17.91 -20.80 -22.95
CA ILE B 181 17.28 -22.07 -22.61
C ILE B 181 18.34 -23.17 -22.61
N VAL B 182 18.56 -23.81 -21.46
CA VAL B 182 19.58 -24.84 -21.35
C VAL B 182 19.01 -26.25 -21.24
N HIS B 183 17.72 -26.35 -20.90
CA HIS B 183 17.06 -27.65 -20.80
C HIS B 183 15.54 -27.51 -20.82
N ILE B 184 14.88 -28.48 -21.46
CA ILE B 184 13.43 -28.52 -21.48
C ILE B 184 12.95 -29.90 -21.03
N SER B 185 12.14 -29.94 -19.97
CA SER B 185 11.60 -31.20 -19.46
C SER B 185 10.11 -31.29 -19.70
N PRO B 186 9.65 -32.44 -20.18
CA PRO B 186 8.21 -32.62 -20.40
C PRO B 186 7.52 -32.77 -19.05
N LEU B 187 6.24 -32.40 -18.97
CA LEU B 187 5.48 -32.66 -17.76
C LEU B 187 5.44 -34.15 -17.49
N SER B 188 5.55 -34.52 -16.21
CA SER B 188 5.46 -35.91 -15.77
C SER B 188 4.64 -35.97 -14.49
N GLY B 189 4.15 -37.15 -14.13
CA GLY B 189 3.36 -37.30 -12.92
C GLY B 189 1.89 -37.47 -13.23
N SER B 190 1.02 -37.17 -12.25
CA SER B 190 -0.41 -37.47 -12.43
C SER B 190 -1.29 -36.29 -12.79
N ALA B 191 -0.75 -35.07 -12.83
CA ALA B 191 -1.54 -33.93 -13.27
C ALA B 191 -1.91 -34.14 -14.74
N GLN B 192 -3.17 -33.95 -15.08
CA GLN B 192 -3.60 -34.26 -16.44
C GLN B 192 -3.81 -33.06 -17.36
N HIS B 193 -3.83 -31.85 -16.78
CA HIS B 193 -3.93 -30.64 -17.56
C HIS B 193 -3.36 -29.50 -16.75
N ILE B 194 -2.53 -28.68 -17.40
CA ILE B 194 -1.78 -27.63 -16.73
C ILE B 194 -1.89 -26.29 -17.46
N GLU B 195 -2.37 -25.27 -16.74
CA GLU B 195 -2.45 -23.92 -17.26
C GLU B 195 -2.01 -22.95 -16.17
N GLU B 196 -1.41 -21.83 -16.59
CA GLU B 196 -1.24 -20.67 -15.72
C GLU B 196 -0.69 -20.97 -14.32
N CYS B 197 0.46 -21.63 -14.27
CA CYS B 197 1.03 -22.01 -12.98
C CYS B 197 1.42 -20.83 -12.11
N SER B 198 1.11 -20.94 -10.82
CA SER B 198 1.61 -19.99 -9.82
C SER B 198 2.72 -20.69 -9.03
N CYS B 199 3.97 -20.32 -9.32
CA CYS B 199 5.12 -21.03 -8.79
C CYS B 199 5.82 -20.27 -7.70
N TYR B 200 6.54 -21.00 -6.86
CA TYR B 200 7.29 -20.37 -5.79
C TYR B 200 8.52 -21.19 -5.43
N PRO B 201 9.56 -20.51 -4.95
CA PRO B 201 10.74 -21.27 -4.52
C PRO B 201 10.46 -22.05 -3.25
N ARG B 202 10.89 -23.31 -3.24
CA ARG B 202 10.82 -24.15 -2.06
C ARG B 202 12.12 -24.93 -2.05
N TYR B 203 13.19 -24.23 -1.65
CA TYR B 203 14.55 -24.72 -1.74
C TYR B 203 14.66 -26.16 -1.25
N PRO B 204 15.38 -27.00 -2.01
CA PRO B 204 16.19 -26.70 -3.18
C PRO B 204 15.43 -26.67 -4.51
N GLY B 205 14.11 -26.80 -4.51
CA GLY B 205 13.38 -26.84 -5.76
C GLY B 205 12.32 -25.76 -5.94
N VAL B 206 11.43 -25.97 -6.90
CA VAL B 206 10.35 -25.01 -7.17
C VAL B 206 9.03 -25.76 -7.20
N ARG B 207 8.00 -25.18 -6.59
CA ARG B 207 6.69 -25.81 -6.54
C ARG B 207 5.64 -24.90 -7.18
N CYS B 208 4.74 -25.49 -7.98
CA CYS B 208 3.71 -24.70 -8.65
C CYS B 208 2.32 -25.25 -8.38
N ILE B 209 1.37 -24.34 -8.16
CA ILE B 209 -0.04 -24.70 -8.06
C ILE B 209 -0.67 -24.08 -9.29
N CYS B 210 -1.37 -24.89 -10.08
CA CYS B 210 -1.81 -24.43 -11.40
C CYS B 210 -3.32 -24.55 -11.57
N ARG B 211 -3.74 -24.55 -12.83
CA ARG B 211 -5.15 -24.60 -13.20
C ARG B 211 -5.34 -25.76 -14.18
N ASP B 212 -6.29 -26.63 -13.85
CA ASP B 212 -6.68 -27.73 -14.74
C ASP B 212 -7.93 -27.25 -15.46
N ASN B 213 -7.86 -27.13 -16.78
CA ASN B 213 -8.95 -26.55 -17.57
C ASN B 213 -9.81 -27.65 -18.19
N TRP B 214 -9.49 -28.89 -17.87
CA TRP B 214 -10.09 -30.03 -18.55
C TRP B 214 -11.01 -30.86 -17.65
N LYS B 215 -10.45 -31.59 -16.69
CA LYS B 215 -11.27 -32.44 -15.86
C LYS B 215 -11.26 -32.13 -14.36
N GLY B 216 -10.50 -31.11 -13.94
CA GLY B 216 -10.38 -30.88 -12.51
C GLY B 216 -10.81 -29.51 -12.02
N SER B 217 -11.59 -29.49 -10.93
CA SER B 217 -11.79 -28.27 -10.16
C SER B 217 -10.86 -28.26 -8.95
N ASN B 218 -10.18 -29.37 -8.72
CA ASN B 218 -9.03 -29.36 -7.83
C ASN B 218 -7.80 -28.86 -8.60
N ARG B 219 -6.89 -28.17 -7.93
CA ARG B 219 -5.74 -27.55 -8.60
C ARG B 219 -4.53 -28.50 -8.69
N PRO B 220 -3.96 -28.62 -9.91
CA PRO B 220 -2.77 -29.45 -10.07
C PRO B 220 -1.55 -28.86 -9.35
N VAL B 221 -0.61 -29.73 -8.99
CA VAL B 221 0.65 -29.31 -8.41
C VAL B 221 1.75 -29.78 -9.35
N VAL B 222 2.74 -28.93 -9.62
CA VAL B 222 3.93 -29.33 -10.37
C VAL B 222 5.16 -29.09 -9.53
N ASP B 223 5.95 -30.14 -9.32
CA ASP B 223 7.20 -29.99 -8.57
C ASP B 223 8.39 -30.09 -9.51
N ILE B 224 9.31 -29.15 -9.37
CA ILE B 224 10.42 -29.01 -10.29
C ILE B 224 11.75 -29.17 -9.58
N ASN B 225 12.51 -30.18 -10.00
CA ASN B 225 13.83 -30.43 -9.41
C ASN B 225 14.84 -29.63 -10.21
N MET B 226 15.50 -28.68 -9.55
CA MET B 226 16.39 -27.78 -10.27
C MET B 226 17.78 -28.36 -10.44
N GLU B 227 18.07 -29.44 -9.72
CA GLU B 227 19.40 -30.06 -9.80
C GLU B 227 19.49 -31.05 -10.98
N ASP B 228 18.41 -31.77 -11.25
CA ASP B 228 18.43 -32.79 -12.31
C ASP B 228 17.33 -32.63 -13.35
N TYR B 229 16.52 -31.58 -13.21
CA TYR B 229 15.48 -31.25 -14.18
C TYR B 229 14.29 -32.21 -14.20
N SER B 230 14.21 -33.11 -13.22
CA SER B 230 13.08 -34.03 -13.15
C SER B 230 11.81 -33.31 -12.71
N ILE B 231 10.67 -33.81 -13.18
CA ILE B 231 9.38 -33.20 -12.91
C ILE B 231 8.47 -34.23 -12.23
N ASP B 232 7.67 -33.79 -11.28
CA ASP B 232 6.60 -34.62 -10.75
C ASP B 232 5.37 -33.74 -10.64
N SER B 233 4.20 -34.36 -10.58
CA SER B 233 2.97 -33.60 -10.50
C SER B 233 1.87 -34.41 -9.86
N SER B 234 0.87 -33.71 -9.31
CA SER B 234 -0.24 -34.34 -8.60
C SER B 234 -1.37 -33.32 -8.49
N TYR B 235 -2.23 -33.48 -7.49
CA TYR B 235 -3.26 -32.47 -7.22
C TYR B 235 -3.24 -32.09 -5.76
N VAL B 236 -3.61 -30.84 -5.47
CA VAL B 236 -3.73 -30.38 -4.10
C VAL B 236 -4.72 -31.29 -3.35
N CYS B 237 -4.31 -31.78 -2.18
CA CYS B 237 -5.12 -32.72 -1.39
C CYS B 237 -6.45 -32.17 -0.92
N SER B 238 -6.44 -30.89 -0.57
CA SER B 238 -7.59 -30.27 0.09
C SER B 238 -8.91 -30.54 -0.60
N GLY B 239 -9.90 -30.93 0.20
CA GLY B 239 -11.23 -31.18 -0.31
C GLY B 239 -11.97 -29.88 -0.52
N LEU B 240 -11.42 -28.80 0.04
CA LEU B 240 -11.87 -27.46 -0.29
C LEU B 240 -11.03 -27.05 -1.48
N VAL B 241 -11.62 -27.07 -2.67
CA VAL B 241 -10.84 -26.96 -3.89
C VAL B 241 -10.73 -25.51 -4.33
N GLY B 242 -9.72 -25.23 -5.15
CA GLY B 242 -9.34 -23.86 -5.45
C GLY B 242 -9.78 -23.26 -6.77
N ASP B 243 -10.32 -24.08 -7.65
CA ASP B 243 -10.64 -23.63 -9.00
C ASP B 243 -12.05 -23.03 -9.05
N THR B 244 -12.34 -22.35 -10.15
CA THR B 244 -13.67 -21.83 -10.43
C THR B 244 -13.92 -22.06 -11.91
N PRO B 245 -14.98 -22.82 -12.25
CA PRO B 245 -16.02 -23.38 -11.38
C PRO B 245 -15.60 -24.57 -10.53
N ARG B 246 -16.46 -24.93 -9.58
CA ARG B 246 -16.21 -26.03 -8.66
C ARG B 246 -17.52 -26.39 -7.98
N ASN B 247 -17.58 -27.57 -7.36
CA ASN B 247 -18.75 -27.95 -6.59
C ASN B 247 -18.83 -27.19 -5.27
N ASP B 248 -20.01 -27.20 -4.65
CA ASP B 248 -20.18 -26.72 -3.29
C ASP B 248 -19.22 -27.45 -2.35
N ASP B 249 -18.88 -26.81 -1.23
CA ASP B 249 -17.94 -27.39 -0.27
C ASP B 249 -18.40 -28.77 0.26
N SER B 250 -19.71 -28.99 0.31
CA SER B 250 -20.20 -30.25 0.87
C SER B 250 -20.08 -31.39 -0.14
N SER B 251 -19.89 -31.07 -1.42
CA SER B 251 -19.83 -32.10 -2.45
C SER B 251 -18.58 -32.03 -3.33
N SER B 252 -17.59 -31.25 -2.92
CA SER B 252 -16.31 -31.17 -3.61
C SER B 252 -15.37 -32.25 -3.08
N ASN B 253 -14.47 -32.73 -3.92
CA ASN B 253 -13.51 -33.76 -3.50
C ASN B 253 -12.16 -33.61 -4.19
N SER B 254 -11.11 -34.06 -3.51
CA SER B 254 -9.82 -34.28 -4.15
C SER B 254 -9.16 -35.49 -3.52
N ASN B 255 -8.50 -36.32 -4.32
CA ASN B 255 -7.78 -37.46 -3.77
C ASN B 255 -6.24 -37.31 -3.82
N CYS B 256 -5.78 -36.09 -4.12
CA CYS B 256 -4.36 -35.74 -4.24
C CYS B 256 -3.71 -36.23 -5.54
N ARG B 257 -4.39 -37.09 -6.28
CA ARG B 257 -3.75 -37.76 -7.42
C ARG B 257 -4.37 -37.47 -8.79
N ASN B 258 -5.68 -37.39 -8.86
CA ASN B 258 -6.38 -37.30 -10.13
C ASN B 258 -7.26 -36.06 -10.18
N PRO B 259 -7.58 -35.58 -11.40
CA PRO B 259 -8.61 -34.55 -11.50
C PRO B 259 -9.92 -35.10 -10.97
N ASN B 260 -10.70 -34.27 -10.29
CA ASN B 260 -11.86 -34.76 -9.57
C ASN B 260 -13.11 -34.96 -10.43
N ASN B 261 -13.05 -34.53 -11.69
CA ASN B 261 -14.22 -34.59 -12.57
C ASN B 261 -15.46 -33.94 -11.97
N GLU B 262 -15.27 -32.86 -11.22
CA GLU B 262 -16.37 -32.07 -10.69
C GLU B 262 -16.31 -30.67 -11.28
N ARG B 263 -17.25 -30.35 -12.17
CA ARG B 263 -17.21 -29.08 -12.90
C ARG B 263 -15.80 -28.73 -13.36
N GLY B 264 -15.10 -29.74 -13.88
CA GLY B 264 -13.68 -29.61 -14.14
C GLY B 264 -13.32 -28.72 -15.31
N THR B 265 -14.19 -28.68 -16.32
CA THR B 265 -13.87 -27.90 -17.51
C THR B 265 -13.84 -26.42 -17.17
N GLN B 266 -12.95 -25.71 -17.85
CA GLN B 266 -12.66 -24.30 -17.60
C GLN B 266 -11.99 -24.12 -16.25
N GLY B 267 -11.85 -22.88 -15.79
CA GLY B 267 -11.08 -22.63 -14.60
C GLY B 267 -10.68 -21.18 -14.49
N VAL B 268 -9.83 -20.88 -13.52
CA VAL B 268 -9.31 -19.53 -13.33
C VAL B 268 -7.93 -19.70 -12.74
N LYS B 269 -7.00 -18.81 -13.10
CA LYS B 269 -5.68 -18.86 -12.50
C LYS B 269 -5.75 -18.60 -11.00
N GLY B 270 -5.00 -19.37 -10.22
CA GLY B 270 -5.02 -19.21 -8.77
C GLY B 270 -3.75 -19.74 -8.13
N TRP B 271 -3.78 -19.87 -6.81
CA TRP B 271 -2.56 -20.23 -6.08
C TRP B 271 -2.89 -20.96 -4.78
N ALA B 272 -1.85 -21.55 -4.21
CA ALA B 272 -1.88 -22.14 -2.87
C ALA B 272 -0.43 -22.42 -2.51
N PHE B 273 -0.16 -22.66 -1.23
CA PHE B 273 1.17 -23.12 -0.85
C PHE B 273 1.13 -23.99 0.41
N ASP B 274 2.10 -24.89 0.52
CA ASP B 274 2.15 -25.83 1.64
C ASP B 274 2.87 -25.25 2.84
N ASN B 275 2.42 -25.63 4.03
CA ASN B 275 3.25 -25.48 5.22
C ASN B 275 3.12 -26.76 6.03
N GLY B 276 4.12 -27.62 5.92
CA GLY B 276 4.02 -28.95 6.51
C GLY B 276 2.82 -29.69 5.94
N ASN B 277 1.94 -30.17 6.82
CA ASN B 277 0.75 -30.88 6.39
C ASN B 277 -0.39 -29.98 5.97
N ASP B 278 -0.28 -28.69 6.28
CA ASP B 278 -1.36 -27.74 6.06
C ASP B 278 -1.21 -26.99 4.75
N LEU B 279 -2.27 -26.30 4.35
CA LEU B 279 -2.30 -25.60 3.07
C LEU B 279 -2.84 -24.19 3.23
N TRP B 280 -2.13 -23.18 2.73
CA TRP B 280 -2.74 -21.86 2.59
C TRP B 280 -3.21 -21.70 1.16
N MET B 281 -4.42 -21.19 0.97
CA MET B 281 -4.95 -21.06 -0.39
C MET B 281 -5.90 -19.90 -0.49
N GLY B 282 -6.08 -19.42 -1.72
CA GLY B 282 -7.08 -18.42 -2.02
C GLY B 282 -8.04 -19.01 -3.04
N ARG B 283 -9.21 -18.39 -3.17
CA ARG B 283 -10.13 -18.73 -4.25
C ARG B 283 -11.22 -17.69 -4.36
N THR B 284 -11.93 -17.67 -5.48
CA THR B 284 -13.10 -16.82 -5.56
C THR B 284 -14.14 -17.28 -4.55
N ILE B 285 -14.96 -16.36 -4.05
CA ILE B 285 -15.99 -16.73 -3.10
C ILE B 285 -17.11 -17.49 -3.81
N SER B 286 -17.50 -16.97 -4.97
CA SER B 286 -18.48 -17.66 -5.82
C SER B 286 -17.94 -18.98 -6.37
N LYS B 287 -18.80 -19.98 -6.46
CA LYS B 287 -18.40 -21.29 -6.97
C LYS B 287 -18.39 -21.36 -8.48
N GLU B 288 -19.12 -20.47 -9.14
CA GLU B 288 -19.25 -20.56 -10.59
C GLU B 288 -18.73 -19.34 -11.34
N SER B 289 -18.64 -18.21 -10.64
CA SER B 289 -18.26 -16.97 -11.29
C SER B 289 -17.05 -16.34 -10.63
N ARG B 290 -16.34 -15.48 -11.38
CA ARG B 290 -15.14 -14.82 -10.86
C ARG B 290 -15.52 -13.61 -10.01
N SER B 291 -16.15 -13.91 -8.89
CA SER B 291 -16.73 -12.93 -7.99
C SER B 291 -16.21 -13.21 -6.58
N GLY B 292 -15.82 -12.17 -5.86
CA GLY B 292 -15.33 -12.32 -4.50
C GLY B 292 -13.95 -12.94 -4.44
N TYR B 293 -13.31 -12.87 -3.27
CA TYR B 293 -12.03 -13.55 -3.06
C TYR B 293 -11.78 -13.77 -1.57
N GLU B 294 -11.42 -15.00 -1.22
CA GLU B 294 -11.19 -15.38 0.16
C GLU B 294 -9.90 -16.19 0.26
N THR B 295 -9.27 -16.11 1.43
CA THR B 295 -8.14 -16.97 1.74
C THR B 295 -8.39 -17.70 3.03
N PHE B 296 -7.74 -18.85 3.20
CA PHE B 296 -7.84 -19.59 4.45
C PHE B 296 -6.77 -20.66 4.52
N LYS B 297 -6.61 -21.23 5.71
CA LYS B 297 -5.71 -22.35 5.88
C LYS B 297 -6.53 -23.61 5.99
N VAL B 298 -6.10 -24.66 5.30
CA VAL B 298 -6.78 -25.95 5.42
C VAL B 298 -5.89 -26.85 6.25
N ILE B 299 -6.41 -27.28 7.41
CA ILE B 299 -5.65 -28.17 8.28
C ILE B 299 -5.58 -29.52 7.58
N GLY B 300 -4.36 -30.02 7.36
CA GLY B 300 -4.15 -31.25 6.61
C GLY B 300 -4.36 -31.05 5.11
N GLY B 301 -4.48 -29.80 4.68
CA GLY B 301 -4.76 -29.52 3.28
C GLY B 301 -3.67 -29.90 2.30
N TRP B 302 -2.45 -30.07 2.79
CA TRP B 302 -1.39 -30.51 1.89
C TRP B 302 -1.26 -32.03 1.85
N SER B 303 -1.39 -32.67 3.00
CA SER B 303 -1.06 -34.10 3.17
C SER B 303 -2.27 -35.06 3.26
N THR B 304 -3.42 -34.55 3.68
CA THR B 304 -4.58 -35.42 3.93
C THR B 304 -5.61 -35.27 2.82
N PRO B 305 -5.86 -36.36 2.08
CA PRO B 305 -6.81 -36.33 0.96
C PRO B 305 -8.18 -35.88 1.43
N ASN B 306 -8.78 -34.92 0.72
CA ASN B 306 -10.16 -34.50 0.94
C ASN B 306 -10.40 -33.77 2.26
N SER B 307 -9.33 -33.29 2.89
CA SER B 307 -9.46 -32.53 4.13
C SER B 307 -10.29 -31.26 3.93
N LYS B 308 -11.17 -30.95 4.89
CA LYS B 308 -12.08 -29.81 4.73
C LYS B 308 -12.18 -28.93 5.97
N SER B 309 -11.27 -29.12 6.91
CA SER B 309 -11.25 -28.28 8.10
C SER B 309 -10.43 -27.02 7.82
N GLN B 310 -11.12 -25.88 7.69
CA GLN B 310 -10.41 -24.63 7.49
C GLN B 310 -10.33 -23.79 8.75
N VAL B 311 -9.38 -22.86 8.75
CA VAL B 311 -9.23 -21.93 9.86
C VAL B 311 -8.55 -20.68 9.31
N ASN B 312 -8.69 -19.56 10.02
CA ASN B 312 -8.01 -18.32 9.64
C ASN B 312 -8.47 -17.78 8.31
N ARG B 313 -9.77 -17.84 8.06
CA ARG B 313 -10.33 -17.28 6.83
C ARG B 313 -10.22 -15.75 6.85
N GLN B 314 -9.98 -15.18 5.67
CA GLN B 314 -10.05 -13.73 5.48
C GLN B 314 -10.76 -13.43 4.17
N VAL B 315 -11.72 -12.51 4.22
CA VAL B 315 -12.32 -12.00 2.99
C VAL B 315 -11.33 -10.96 2.44
N ILE B 316 -10.95 -11.10 1.18
CA ILE B 316 -10.11 -10.10 0.53
C ILE B 316 -10.97 -9.16 -0.31
N VAL B 317 -11.91 -9.76 -1.04
CA VAL B 317 -12.88 -9.02 -1.84
C VAL B 317 -14.25 -9.64 -1.57
N ASP B 318 -15.22 -8.84 -1.13
CA ASP B 318 -16.55 -9.42 -0.86
C ASP B 318 -17.25 -9.92 -2.13
N ASN B 319 -18.25 -10.78 -1.96
CA ASN B 319 -18.87 -11.45 -3.11
C ASN B 319 -19.84 -10.58 -3.91
N ASN B 320 -19.96 -9.32 -3.53
CA ASN B 320 -20.72 -8.38 -4.35
C ASN B 320 -19.82 -7.69 -5.35
N ASN B 321 -18.57 -8.11 -5.41
CA ASN B 321 -17.58 -7.48 -6.28
C ASN B 321 -16.78 -8.46 -7.13
N TRP B 322 -16.35 -8.00 -8.30
CA TRP B 322 -15.65 -8.86 -9.24
C TRP B 322 -14.19 -9.10 -8.87
N SER B 323 -13.75 -10.34 -9.03
CA SER B 323 -12.32 -10.65 -8.89
C SER B 323 -11.79 -11.06 -10.26
N GLY B 324 -11.03 -12.14 -10.30
CA GLY B 324 -10.37 -12.54 -11.53
C GLY B 324 -9.21 -13.45 -11.22
N TYR B 325 -8.15 -13.38 -12.01
CA TYR B 325 -6.96 -14.19 -11.77
C TYR B 325 -6.34 -13.81 -10.43
N SER B 326 -5.56 -14.74 -9.88
CA SER B 326 -4.78 -14.45 -8.70
C SER B 326 -3.52 -15.30 -8.80
N GLY B 327 -2.46 -14.88 -8.12
CA GLY B 327 -1.22 -15.63 -8.19
C GLY B 327 -0.31 -15.27 -7.04
N ILE B 328 0.73 -16.09 -6.88
CA ILE B 328 1.63 -15.95 -5.74
C ILE B 328 2.92 -15.23 -6.17
N PHE B 329 3.58 -14.59 -5.21
CA PHE B 329 4.94 -14.14 -5.38
C PHE B 329 5.66 -14.27 -4.05
N SER B 330 6.98 -14.40 -4.09
CA SER B 330 7.74 -14.60 -2.87
C SER B 330 8.71 -13.45 -2.65
N VAL B 331 8.89 -13.08 -1.40
CA VAL B 331 9.72 -11.94 -1.01
C VAL B 331 10.69 -12.37 0.07
N GLU B 332 11.98 -12.17 -0.18
CA GLU B 332 12.99 -12.59 0.79
C GLU B 332 13.10 -11.63 1.95
N GLY B 333 12.86 -12.13 3.16
CA GLY B 333 13.06 -11.34 4.36
C GLY B 333 14.42 -11.64 4.96
N LYS B 334 14.66 -11.10 6.14
CA LYS B 334 15.93 -11.27 6.83
C LYS B 334 16.23 -12.74 7.18
N SER B 335 15.21 -13.44 7.65
CA SER B 335 15.38 -14.80 8.16
C SER B 335 14.58 -15.83 7.39
N CYS B 336 13.57 -15.37 6.66
CA CYS B 336 12.64 -16.29 6.01
C CYS B 336 12.13 -15.76 4.68
N ILE B 337 11.56 -16.67 3.89
CA ILE B 337 10.95 -16.29 2.62
C ILE B 337 9.46 -16.17 2.86
N ASN B 338 8.90 -15.01 2.53
CA ASN B 338 7.49 -14.78 2.76
C ASN B 338 6.71 -15.03 1.49
N ARG B 339 5.42 -15.39 1.64
CA ARG B 339 4.58 -15.60 0.48
C ARG B 339 3.56 -14.48 0.42
N CYS B 340 3.41 -13.88 -0.76
CA CYS B 340 2.39 -12.86 -0.97
C CYS B 340 1.51 -13.26 -2.14
N PHE B 341 0.42 -12.54 -2.32
CA PHE B 341 -0.42 -12.77 -3.48
C PHE B 341 -1.10 -11.51 -3.99
N TYR B 342 -1.45 -11.51 -5.27
CA TYR B 342 -2.22 -10.42 -5.87
C TYR B 342 -3.56 -10.98 -6.31
N VAL B 343 -4.56 -10.10 -6.43
CA VAL B 343 -5.84 -10.49 -7.00
C VAL B 343 -6.19 -9.52 -8.10
N GLU B 344 -6.47 -10.05 -9.28
CA GLU B 344 -6.92 -9.25 -10.41
C GLU B 344 -8.39 -8.92 -10.22
N LEU B 345 -8.74 -7.65 -10.36
CA LEU B 345 -10.13 -7.22 -10.18
C LEU B 345 -10.69 -6.73 -11.51
N ILE B 346 -11.43 -7.61 -12.18
CA ILE B 346 -11.81 -7.38 -13.58
C ILE B 346 -13.09 -6.55 -13.66
N ARG B 347 -13.06 -5.47 -14.44
CA ARG B 347 -14.25 -4.66 -14.66
C ARG B 347 -14.60 -4.60 -16.15
N GLY B 348 -15.87 -4.33 -16.44
CA GLY B 348 -16.30 -4.20 -17.82
C GLY B 348 -16.86 -5.50 -18.34
N ARG B 349 -16.71 -5.73 -19.64
CA ARG B 349 -17.33 -6.89 -20.28
C ARG B 349 -16.57 -8.18 -19.95
N PRO B 350 -17.27 -9.33 -19.92
CA PRO B 350 -18.68 -9.50 -20.28
C PRO B 350 -19.67 -9.24 -19.16
N GLN B 351 -19.20 -9.11 -17.92
CA GLN B 351 -20.14 -8.99 -16.80
C GLN B 351 -20.88 -7.66 -16.74
N GLU B 352 -20.20 -6.58 -17.12
CA GLU B 352 -20.77 -5.25 -17.02
C GLU B 352 -20.85 -4.61 -18.40
N THR B 353 -22.04 -4.66 -19.01
CA THR B 353 -22.17 -4.27 -20.42
C THR B 353 -22.50 -2.81 -20.70
N ARG B 354 -22.56 -1.97 -19.67
CA ARG B 354 -22.74 -0.54 -19.91
C ARG B 354 -21.54 -0.02 -20.70
N VAL B 355 -20.36 -0.57 -20.40
CA VAL B 355 -19.13 -0.19 -21.09
C VAL B 355 -18.76 -1.25 -22.11
N TRP B 356 -17.94 -0.89 -23.09
CA TRP B 356 -17.54 -1.82 -24.14
C TRP B 356 -16.15 -2.40 -23.92
N TRP B 357 -15.44 -1.90 -22.93
CA TRP B 357 -14.09 -2.37 -22.65
C TRP B 357 -14.04 -3.45 -21.57
N THR B 358 -12.87 -4.07 -21.42
CA THR B 358 -12.58 -4.99 -20.33
C THR B 358 -11.22 -4.62 -19.78
N SER B 359 -11.13 -4.38 -18.49
CA SER B 359 -9.84 -4.01 -17.89
C SER B 359 -9.79 -4.54 -16.46
N ASN B 360 -8.76 -4.16 -15.71
CA ASN B 360 -8.66 -4.59 -14.32
C ASN B 360 -7.87 -3.63 -13.46
N SER B 361 -8.12 -3.70 -12.15
CA SER B 361 -7.17 -3.17 -11.18
C SER B 361 -6.63 -4.33 -10.36
N ILE B 362 -5.79 -4.04 -9.38
CA ILE B 362 -5.25 -5.09 -8.51
C ILE B 362 -5.30 -4.74 -7.03
N VAL B 363 -5.34 -5.78 -6.20
CA VAL B 363 -5.10 -5.62 -4.77
C VAL B 363 -4.09 -6.70 -4.38
N VAL B 364 -3.24 -6.39 -3.40
CA VAL B 364 -2.10 -7.25 -3.07
C VAL B 364 -1.96 -7.40 -1.56
N PHE B 365 -1.81 -8.64 -1.09
CA PHE B 365 -1.61 -8.94 0.32
C PHE B 365 -0.34 -9.75 0.52
N CYS B 366 0.30 -9.63 1.68
CA CYS B 366 1.49 -10.43 2.01
C CYS B 366 1.31 -11.19 3.32
N GLY B 367 1.96 -12.35 3.42
CA GLY B 367 1.93 -13.13 4.64
C GLY B 367 2.39 -12.32 5.83
N THR B 368 1.78 -12.56 6.98
CA THR B 368 2.20 -11.91 8.19
C THR B 368 2.29 -12.92 9.33
N SER B 369 3.23 -12.71 10.25
CA SER B 369 3.28 -13.51 11.47
C SER B 369 2.59 -12.75 12.61
N GLY B 370 2.12 -11.54 12.31
CA GLY B 370 1.47 -10.72 13.31
C GLY B 370 -0.03 -10.96 13.34
N THR B 371 -0.79 -9.92 13.67
CA THR B 371 -2.24 -10.04 13.71
C THR B 371 -2.90 -9.05 12.76
N TYR B 372 -4.21 -9.17 12.62
CA TYR B 372 -4.93 -8.41 11.61
C TYR B 372 -6.42 -8.44 11.89
N GLY B 373 -7.17 -7.64 11.14
CA GLY B 373 -8.60 -7.55 11.32
C GLY B 373 -9.38 -8.03 10.12
N THR B 374 -10.40 -7.28 9.73
CA THR B 374 -11.22 -7.63 8.57
C THR B 374 -11.45 -6.43 7.65
N GLY B 375 -11.85 -6.72 6.42
CA GLY B 375 -12.24 -5.70 5.47
C GLY B 375 -12.63 -6.30 4.14
N SER B 376 -12.77 -5.44 3.13
CA SER B 376 -13.01 -5.85 1.76
C SER B 376 -12.41 -4.76 0.91
N TRP B 377 -11.59 -5.14 -0.07
CA TRP B 377 -10.90 -4.16 -0.91
C TRP B 377 -11.13 -4.43 -2.39
N PRO B 378 -12.34 -4.10 -2.88
CA PRO B 378 -12.69 -4.38 -4.28
C PRO B 378 -12.16 -3.31 -5.20
N ASP B 379 -12.47 -3.42 -6.49
CA ASP B 379 -11.97 -2.45 -7.45
C ASP B 379 -12.43 -1.04 -7.09
N GLY B 380 -13.72 -0.88 -6.79
CA GLY B 380 -14.21 0.38 -6.27
C GLY B 380 -14.71 1.38 -7.30
N ALA B 381 -14.56 1.08 -8.58
CA ALA B 381 -15.10 1.99 -9.59
C ALA B 381 -16.62 1.85 -9.67
N ASN B 382 -17.27 2.97 -9.94
CA ASN B 382 -18.70 2.99 -10.23
C ASN B 382 -18.85 2.86 -11.73
N ILE B 383 -19.42 1.74 -12.19
CA ILE B 383 -19.54 1.47 -13.61
C ILE B 383 -20.30 2.58 -14.34
N ASN B 384 -21.21 3.24 -13.63
CA ASN B 384 -21.99 4.32 -14.22
C ASN B 384 -21.21 5.62 -14.39
N PHE B 385 -20.05 5.70 -13.75
CA PHE B 385 -19.20 6.89 -13.84
C PHE B 385 -18.16 6.76 -14.95
N MET B 386 -18.06 5.59 -15.55
CA MET B 386 -16.97 5.32 -16.49
C MET B 386 -17.28 5.78 -17.91
N PRO B 387 -16.24 6.19 -18.65
CA PRO B 387 -16.39 6.33 -20.10
C PRO B 387 -16.72 4.95 -20.63
N ILE B 388 -17.60 4.87 -21.62
CA ILE B 388 -17.99 3.57 -22.13
C ILE B 388 -17.02 3.08 -23.19
C1 NAG C . -22.51 13.87 -6.47
C2 NAG C . -23.18 14.50 -7.69
C3 NAG C . -24.56 15.04 -7.29
C4 NAG C . -25.38 13.98 -6.56
C5 NAG C . -24.55 13.35 -5.43
C6 NAG C . -25.31 12.24 -4.73
C7 NAG C . -21.98 15.60 -9.52
C8 NAG C . -21.26 16.81 -9.98
N2 NAG C . -22.38 15.58 -8.26
O3 NAG C . -25.25 15.47 -8.45
O4 NAG C . -26.53 14.56 -6.02
O5 NAG C . -23.34 12.85 -5.96
O6 NAG C . -25.76 11.33 -5.71
O7 NAG C . -22.20 14.68 -10.32
C1 NAG C . -27.73 14.04 -6.65
C2 NAG C . -28.91 14.62 -5.88
C3 NAG C . -30.26 14.26 -6.51
C4 NAG C . -30.22 14.58 -8.00
C5 NAG C . -29.01 13.88 -8.63
C6 NAG C . -28.95 14.10 -10.14
C7 NAG C . -28.39 15.10 -3.59
C8 NAG C . -27.83 14.58 -2.30
N2 NAG C . -28.83 14.21 -4.48
O3 NAG C . -31.27 15.01 -5.89
O4 NAG C . -31.41 14.15 -8.63
O5 NAG C . -27.81 14.35 -8.03
O6 NAG C . -28.52 12.91 -10.76
O7 NAG C . -28.44 16.31 -3.79
C1 NAG D . -11.62 -9.37 13.48
C2 NAG D . -12.86 -10.27 13.44
C3 NAG D . -12.52 -11.72 13.80
C4 NAG D . -11.43 -12.25 12.87
C5 NAG D . -10.26 -11.26 12.91
C6 NAG D . -9.15 -11.66 11.94
C7 NAG D . -14.95 -9.08 13.76
C8 NAG D . -16.19 -8.97 14.60
N2 NAG D . -13.93 -9.77 14.30
O3 NAG D . -13.65 -12.54 13.73
O4 NAG D . -11.03 -13.51 13.35
O5 NAG D . -10.68 -9.94 12.58
O6 NAG D . -9.67 -11.66 10.63
O7 NAG D . -14.87 -8.55 12.63
C1 NAG D . -11.16 -14.54 12.36
C2 NAG D . -10.27 -15.71 12.76
C3 NAG D . -10.44 -16.88 11.79
C4 NAG D . -11.90 -17.22 11.56
C5 NAG D . -12.71 -15.97 11.22
C6 NAG D . -14.20 -16.22 11.18
C7 NAG D . -8.12 -15.30 13.90
C8 NAG D . -6.64 -15.13 13.70
N2 NAG D . -8.87 -15.32 12.80
O3 NAG D . -9.77 -18.02 12.27
O4 NAG D . -11.92 -18.16 10.50
O5 NAG D . -12.50 -14.98 12.21
O6 NAG D . -14.60 -16.70 12.45
O7 NAG D . -8.57 -15.41 15.05
C1 BMA D . -12.77 -19.27 10.79
C2 BMA D . -13.30 -19.80 9.46
C3 BMA D . -14.28 -20.93 9.73
C4 BMA D . -13.61 -21.99 10.59
C5 BMA D . -13.02 -21.36 11.85
C6 BMA D . -12.27 -22.40 12.66
O2 BMA D . -12.21 -20.26 8.68
O3 BMA D . -14.70 -21.49 8.50
O4 BMA D . -14.59 -22.95 10.93
O5 BMA D . -12.13 -20.30 11.52
O6 BMA D . -11.75 -21.87 13.87
C1 MAN D . -16.13 -21.64 8.48
C2 MAN D . -16.54 -22.44 7.23
C3 MAN D . -16.33 -21.60 5.98
C4 MAN D . -17.07 -20.28 6.13
C5 MAN D . -16.60 -19.57 7.39
C6 MAN D . -17.32 -18.24 7.59
O2 MAN D . -17.89 -22.84 7.32
O3 MAN D . -16.83 -22.31 4.86
O4 MAN D . -16.84 -19.44 5.02
O5 MAN D . -16.85 -20.41 8.51
O6 MAN D . -16.81 -17.62 8.74
C1 MAN D . -12.64 -22.03 15.00
C2 MAN D . -11.87 -21.65 16.25
C3 MAN D . -10.60 -22.49 16.26
C4 MAN D . -10.92 -23.98 16.25
C5 MAN D . -12.17 -24.38 15.44
C6 MAN D . -12.90 -25.51 16.18
O2 MAN D . -12.62 -21.88 17.41
O3 MAN D . -9.83 -22.17 17.41
O4 MAN D . -9.83 -24.65 15.65
O5 MAN D . -13.12 -23.35 15.20
O6 MAN D . -12.41 -26.77 15.77
C1 NAG E . -18.01 -0.50 -29.87
C2 NAG E . -18.89 0.73 -29.97
C3 NAG E . -20.30 0.33 -30.38
C4 NAG E . -20.30 -0.57 -31.60
C5 NAG E . -19.25 -1.68 -31.50
C6 NAG E . -19.08 -2.42 -32.83
C7 NAG E . -18.66 2.78 -28.64
C8 NAG E . -18.65 3.40 -27.27
N2 NAG E . -18.91 1.47 -28.71
O3 NAG E . -21.07 1.48 -30.64
O4 NAG E . -21.57 -1.17 -31.68
O5 NAG E . -18.00 -1.12 -31.14
O6 NAG E . -18.78 -1.48 -33.84
O7 NAG E . -18.44 3.49 -29.63
C1 NAG E . -22.19 -0.86 -32.94
C2 NAG E . -23.35 -1.84 -33.09
C3 NAG E . -24.20 -1.58 -34.33
C4 NAG E . -24.35 -0.09 -34.67
C5 NAG E . -23.08 0.73 -34.38
C6 NAG E . -23.37 2.21 -34.55
C7 NAG E . -22.98 -4.02 -32.09
C8 NAG E . -22.18 -5.29 -32.12
N2 NAG E . -22.82 -3.18 -33.11
O3 NAG E . -25.48 -2.11 -34.11
O4 NAG E . -24.67 0.02 -36.03
O5 NAG E . -22.61 0.47 -33.08
O6 NAG E . -22.17 2.96 -34.52
O7 NAG E . -23.75 -3.79 -31.15
C1 NAG F . 5.36 -21.45 -38.46
C2 NAG F . 4.96 -21.70 -39.92
C3 NAG F . 6.16 -22.07 -40.79
C4 NAG F . 7.30 -21.07 -40.62
C5 NAG F . 7.59 -20.89 -39.14
C6 NAG F . 8.66 -19.83 -38.90
C7 NAG F . 2.74 -22.45 -40.47
C8 NAG F . 1.92 -23.56 -41.04
N2 NAG F . 3.96 -22.75 -40.03
O3 NAG F . 5.76 -22.14 -42.13
O4 NAG F . 8.43 -21.60 -41.28
O5 NAG F . 6.41 -20.50 -38.45
O6 NAG F . 8.24 -18.61 -39.44
O7 NAG F . 2.30 -21.30 -40.39
C1 NAG F . 8.93 -20.75 -42.32
C2 NAG F . 10.36 -21.18 -42.65
C3 NAG F . 10.90 -20.32 -43.77
C4 NAG F . 9.99 -20.26 -44.98
C5 NAG F . 8.57 -19.92 -44.54
C6 NAG F . 7.55 -20.04 -45.68
C7 NAG F . 11.75 -22.11 -40.86
C8 NAG F . 12.74 -21.79 -39.77
N2 NAG F . 11.22 -21.06 -41.48
O3 NAG F . 12.17 -20.78 -44.16
O4 NAG F . 10.55 -19.29 -45.85
O5 NAG F . 8.15 -20.77 -43.49
O6 NAG F . 7.52 -21.39 -46.11
O7 NAG F . 11.47 -23.29 -41.12
C1 BMA F . 10.55 -19.74 -47.21
C2 BMA F . 10.45 -18.50 -48.09
C3 BMA F . 10.37 -18.94 -49.56
C4 BMA F . 11.55 -19.83 -49.86
C5 BMA F . 11.64 -20.99 -48.86
C6 BMA F . 12.92 -21.76 -49.12
O2 BMA F . 11.59 -17.71 -47.89
O3 BMA F . 10.37 -17.81 -50.41
O4 BMA F . 11.37 -20.35 -51.16
O5 BMA F . 11.69 -20.50 -47.54
O6 BMA F . 12.96 -22.93 -48.34
C1 MAN F . 9.36 -17.91 -51.44
C2 MAN F . 9.53 -16.73 -52.42
C3 MAN F . 9.10 -15.42 -51.76
C4 MAN F . 7.71 -15.59 -51.18
C5 MAN F . 7.70 -16.76 -50.20
C6 MAN F . 6.34 -16.93 -49.54
O2 MAN F . 8.78 -16.94 -53.60
O3 MAN F . 9.09 -14.38 -52.70
O4 MAN F . 7.32 -14.41 -50.52
O5 MAN F . 8.05 -17.94 -50.91
O6 MAN F . 6.42 -17.93 -48.54
C1 MAN F . 12.24 -24.03 -48.95
C2 MAN F . 12.40 -25.24 -48.07
C3 MAN F . 13.89 -25.42 -47.79
C4 MAN F . 14.74 -25.43 -49.06
C5 MAN F . 14.16 -24.67 -50.25
C6 MAN F . 14.45 -25.42 -51.55
O2 MAN F . 11.90 -26.38 -48.72
O3 MAN F . 14.08 -26.64 -47.09
O4 MAN F . 15.99 -24.85 -48.75
O5 MAN F . 12.76 -24.43 -50.20
O6 MAN F . 13.73 -24.81 -52.61
CA CA G . -9.74 19.42 21.54
CA CA H . -11.02 -26.59 -13.95
#